data_7OUP
#
_entry.id   7OUP
#
_cell.length_a   119.337
_cell.length_b   105.597
_cell.length_c   64.861
_cell.angle_alpha   90.000
_cell.angle_beta   93.651
_cell.angle_gamma   90.000
#
_symmetry.space_group_name_H-M   'C 1 2 1'
#
loop_
_entity.id
_entity.type
_entity.pdbx_description
1 polymer 'Dipeptidyl peptidase 3'
2 polymer ((2R,4S,5S)-5-((S)-2-amino-3-methylbutanamido)-2-benzyl-4-hydroxy-6-methylheptanoyl)-L-prolyl-L-tryptophan
3 non-polymer 'ZINC ION'
4 non-polymer 'POTASSIUM ION'
5 non-polymer 'MAGNESIUM ION'
6 water water
#
loop_
_entity_poly.entity_id
_entity_poly.type
_entity_poly.pdbx_seq_one_letter_code
_entity_poly.pdbx_strand_id
1 'polypeptide(L)'
;MADTQYILPNDIGVSSLDCREAFRLLSPTERLYAYHLSRAAWYGGLAVLLQTSPEAPYIYALLSRLFRAQDPDQLRQHAL
AEGLTEEEYQAFLVYAAGVYSNMGNYKSFGDTKFVPNLPKEKLERVILGSEAAQQHPEEVRGLWQTCGELMFSLEPRLRH
LGLGKEGITTYFSGNCTMEDAKLAQDFLDSQNLSAYNTRLFKEVDGEGKPYYEVRLASVLGSEPSLDSEVTSKLKSYEFR
GSPFQVTRGDYAPILQKVVEQLEKAKAYAANSHQGQMLAQYIESFTQGSIEAHKRGSRFWIQDKGPIVESYIGFIESYRD
PFGSRGEFEGFVAVVNKAMSAKFERLVASAEQLLKELPWPPTFEKDKFLTPDFTSLDVLTFAGSGIPAGINIPNYDDLRQ
TEGFKNVSLGNVLAVAYATQREKLTFLEEDDKDLYILWKGPSFDVQVGLHALLGHGSGKLFVQDEKGAFNFDQETVINPE
TGEQIQSWYRSGETWDSKFSTIASSYEECRAESVGLYLCLHPQVLEIFGFEGADAEDVIYVNWLNMVRAGLLALEFYTPE
AFNWRQAHMQARFVILRVLLEAGEGLVTITPTTGSDGRPDARVRLDRSKIRSVGKPALERFLRRLQVLKSTGDVAGGRAL
YEGYATVTDAPPECFLTLRDTVLLRKESRKLIVQPNTRLEGSDVQLLEYEASAAGLIRSFSERFPEDGPELEEILTQLAT
ADARFWKGPSEAPSGQA
;
A
2 'polypeptide(L)' V(1QI)PW F
#
# COMPACT_ATOMS: atom_id res chain seq x y z
N ASP A 3 -17.10 1.60 -18.06
CA ASP A 3 -16.82 2.87 -18.74
C ASP A 3 -15.85 3.73 -17.93
N THR A 4 -16.38 4.80 -17.35
CA THR A 4 -15.59 5.71 -16.53
C THR A 4 -14.97 5.00 -15.32
N GLN A 5 -15.43 3.78 -15.00
CA GLN A 5 -14.81 3.02 -13.93
C GLN A 5 -13.38 2.63 -14.27
N TYR A 6 -13.07 2.53 -15.57
CA TYR A 6 -11.77 2.04 -16.03
C TYR A 6 -11.01 3.07 -16.84
N ILE A 7 -11.26 4.36 -16.57
CA ILE A 7 -10.47 5.44 -17.15
C ILE A 7 -10.22 6.48 -16.07
N LEU A 8 -9.13 7.23 -16.23
CA LEU A 8 -8.88 8.37 -15.35
C LEU A 8 -9.48 9.63 -15.97
N PRO A 9 -10.31 10.37 -15.25
CA PRO A 9 -10.92 11.56 -15.83
C PRO A 9 -9.89 12.63 -16.15
N ASN A 10 -10.16 13.38 -17.22
CA ASN A 10 -9.20 14.37 -17.71
C ASN A 10 -9.02 15.53 -16.74
N ASP A 11 -9.97 15.79 -15.86
CA ASP A 11 -9.83 16.83 -14.83
C ASP A 11 -9.50 16.23 -13.48
N ILE A 12 -8.74 15.13 -13.48
CA ILE A 12 -8.31 14.51 -12.23
C ILE A 12 -7.40 15.46 -11.46
N GLY A 13 -7.61 15.53 -10.15
CA GLY A 13 -6.81 16.41 -9.33
C GLY A 13 -5.35 15.96 -9.30
N VAL A 14 -4.45 16.94 -9.35
CA VAL A 14 -3.02 16.69 -9.24
C VAL A 14 -2.46 17.69 -8.23
N SER A 15 -1.84 17.17 -7.18
CA SER A 15 -1.20 17.99 -6.16
C SER A 15 0.30 17.76 -6.20
N SER A 16 1.06 18.82 -5.92
CA SER A 16 2.51 18.74 -5.88
C SER A 16 2.96 18.57 -4.43
N LEU A 17 3.78 17.55 -4.18
CA LEU A 17 4.36 17.36 -2.87
C LEU A 17 5.16 18.59 -2.47
N ASP A 18 4.84 19.14 -1.30
CA ASP A 18 5.46 20.37 -0.82
C ASP A 18 6.54 20.01 0.19
N CYS A 19 7.80 20.20 -0.17
CA CYS A 19 8.90 19.82 0.69
C CYS A 19 10.18 20.59 0.40
N ARG A 20 10.03 21.85 -0.05
CA ARG A 20 11.21 22.70 -0.19
C ARG A 20 11.83 23.01 1.16
N GLU A 21 11.00 23.22 2.18
CA GLU A 21 11.51 23.66 3.48
C GLU A 21 12.24 22.53 4.20
N ALA A 22 11.66 21.33 4.20
CA ALA A 22 12.32 20.18 4.80
C ALA A 22 13.67 19.92 4.14
N PHE A 23 13.73 20.02 2.81
CA PHE A 23 14.99 19.85 2.10
C PHE A 23 15.99 20.94 2.48
N ARG A 24 15.53 22.19 2.51
CA ARG A 24 16.40 23.31 2.86
C ARG A 24 16.95 23.19 4.27
N LEU A 25 16.23 22.49 5.17
CA LEU A 25 16.77 22.24 6.50
C LEU A 25 18.00 21.35 6.47
N LEU A 26 18.05 20.42 5.53
CA LEU A 26 19.06 19.35 5.57
C LEU A 26 20.47 19.90 5.42
N SER A 27 21.41 19.25 6.11
CA SER A 27 22.82 19.57 6.01
C SER A 27 23.35 19.02 4.68
N PRO A 28 24.57 19.42 4.27
CA PRO A 28 25.13 18.87 3.02
C PRO A 28 25.23 17.34 3.02
N THR A 29 25.77 16.76 4.09
CA THR A 29 25.87 15.30 4.17
C THR A 29 24.49 14.66 4.17
N GLU A 30 23.54 15.24 4.93
CA GLU A 30 22.18 14.73 4.92
C GLU A 30 21.57 14.84 3.53
N ARG A 31 21.93 15.89 2.79
CA ARG A 31 21.40 16.07 1.44
C ARG A 31 21.92 15.00 0.49
N LEU A 32 23.23 14.73 0.51
CA LEU A 32 23.78 13.67 -0.33
C LEU A 32 23.24 12.30 0.06
N TYR A 33 23.07 12.08 1.37
CA TYR A 33 22.47 10.85 1.88
C TYR A 33 21.07 10.66 1.31
N ALA A 34 20.22 11.68 1.44
CA ALA A 34 18.87 11.60 0.90
C ALA A 34 18.88 11.47 -0.61
N TYR A 35 19.83 12.10 -1.29
CA TYR A 35 19.91 12.00 -2.74
C TYR A 35 20.14 10.56 -3.18
N HIS A 36 21.14 9.91 -2.60
CA HIS A 36 21.42 8.53 -3.00
C HIS A 36 20.32 7.58 -2.56
N LEU A 37 19.73 7.80 -1.38
CA LEU A 37 18.60 6.96 -0.97
C LEU A 37 17.41 7.15 -1.91
N SER A 38 17.15 8.39 -2.33
CA SER A 38 16.05 8.64 -3.26
C SER A 38 16.31 7.97 -4.59
N ARG A 39 17.55 8.00 -5.07
CA ARG A 39 17.86 7.31 -6.32
C ARG A 39 17.65 5.81 -6.19
N ALA A 40 18.10 5.22 -5.07
CA ALA A 40 17.87 3.80 -4.85
C ALA A 40 16.38 3.48 -4.82
N ALA A 41 15.60 4.31 -4.13
CA ALA A 41 14.16 4.06 -4.04
C ALA A 41 13.49 4.18 -5.40
N TRP A 42 13.86 5.20 -6.17
CA TRP A 42 13.28 5.36 -7.51
C TRP A 42 13.64 4.19 -8.41
N TYR A 43 14.90 3.73 -8.33
CA TYR A 43 15.30 2.54 -9.08
C TYR A 43 14.42 1.35 -8.71
N GLY A 44 14.28 1.10 -7.41
CA GLY A 44 13.52 -0.08 -6.98
C GLY A 44 12.05 0.00 -7.34
N GLY A 45 11.48 1.20 -7.28
CA GLY A 45 10.07 1.37 -7.61
C GLY A 45 9.72 0.94 -9.02
N LEU A 46 10.71 0.90 -9.92
CA LEU A 46 10.47 0.40 -11.26
C LEU A 46 10.05 -1.06 -11.26
N ALA A 47 10.49 -1.84 -10.27
CA ALA A 47 10.11 -3.24 -10.20
C ALA A 47 8.61 -3.43 -9.97
N VAL A 48 7.95 -2.42 -9.39
CA VAL A 48 6.50 -2.48 -9.22
C VAL A 48 5.81 -2.69 -10.56
N LEU A 49 6.37 -2.11 -11.63
CA LEU A 49 5.83 -2.35 -12.98
C LEU A 49 5.78 -3.84 -13.28
N LEU A 50 6.84 -4.56 -12.95
CA LEU A 50 6.85 -6.00 -13.16
C LEU A 50 5.90 -6.72 -12.21
N GLN A 51 5.68 -6.16 -11.02
CA GLN A 51 4.77 -6.72 -10.04
C GLN A 51 3.32 -6.32 -10.26
N THR A 52 3.00 -5.68 -11.39
CA THR A 52 1.66 -5.15 -11.65
C THR A 52 0.96 -5.90 -12.77
N SER A 53 1.47 -5.84 -13.98
CA SER A 53 0.81 -6.45 -15.13
C SER A 53 1.88 -6.82 -16.16
N PRO A 54 1.57 -7.75 -17.06
CA PRO A 54 2.58 -8.12 -18.07
C PRO A 54 2.91 -7.01 -19.05
N GLU A 55 1.96 -6.13 -19.35
CA GLU A 55 2.19 -5.05 -20.30
C GLU A 55 2.71 -3.78 -19.65
N ALA A 56 2.72 -3.69 -18.32
CA ALA A 56 3.13 -2.47 -17.64
C ALA A 56 4.57 -2.07 -17.94
N PRO A 57 5.57 -2.96 -17.90
CA PRO A 57 6.93 -2.53 -18.25
C PRO A 57 7.04 -1.99 -19.67
N TYR A 58 6.34 -2.62 -20.63
CA TYR A 58 6.35 -2.11 -21.99
C TYR A 58 5.72 -0.73 -22.07
N ILE A 59 4.59 -0.54 -21.39
CA ILE A 59 3.93 0.77 -21.43
C ILE A 59 4.83 1.83 -20.83
N TYR A 60 5.49 1.52 -19.71
CA TYR A 60 6.42 2.48 -19.13
C TYR A 60 7.56 2.80 -20.09
N ALA A 61 8.16 1.78 -20.69
CA ALA A 61 9.26 2.00 -21.62
C ALA A 61 8.81 2.90 -22.77
N LEU A 62 7.64 2.60 -23.34
CA LEU A 62 7.13 3.38 -24.47
C LEU A 62 6.87 4.82 -24.07
N LEU A 63 6.22 5.03 -22.92
CA LEU A 63 5.91 6.38 -22.47
C LEU A 63 7.18 7.18 -22.21
N SER A 64 8.13 6.58 -21.47
CA SER A 64 9.35 7.29 -21.12
C SER A 64 10.20 7.59 -22.34
N ARG A 65 10.22 6.70 -23.33
CA ARG A 65 10.89 7.00 -24.59
C ARG A 65 10.22 8.15 -25.32
N LEU A 66 8.89 8.08 -25.46
CA LEU A 66 8.13 9.15 -26.09
C LEU A 66 8.42 10.50 -25.47
N PHE A 67 8.47 10.55 -24.13
CA PHE A 67 8.61 11.83 -23.46
C PHE A 67 10.07 12.25 -23.29
N ARG A 68 11.02 11.33 -23.43
CA ARG A 68 12.40 11.73 -23.58
C ARG A 68 12.62 12.43 -24.91
N ALA A 69 12.04 11.90 -25.99
CA ALA A 69 12.19 12.54 -27.28
C ALA A 69 11.51 13.91 -27.30
N GLN A 70 10.28 13.98 -26.79
CA GLN A 70 9.49 15.21 -26.81
C GLN A 70 8.80 15.38 -25.47
N ASP A 71 8.96 16.54 -24.84
CA ASP A 71 8.25 16.81 -23.60
C ASP A 71 6.77 16.97 -23.91
N PRO A 72 5.91 17.04 -22.88
CA PRO A 72 4.47 17.21 -23.15
C PRO A 72 4.12 18.32 -24.13
N ASP A 73 4.81 19.46 -24.07
CA ASP A 73 4.48 20.57 -24.95
C ASP A 73 4.96 20.33 -26.37
N GLN A 74 6.14 19.72 -26.52
CA GLN A 74 6.59 19.31 -27.85
C GLN A 74 5.64 18.26 -28.44
N LEU A 75 5.22 17.29 -27.62
CA LEU A 75 4.38 16.22 -28.13
C LEU A 75 2.97 16.71 -28.47
N ARG A 76 2.50 17.75 -27.79
CA ARG A 76 1.18 18.30 -28.10
C ARG A 76 1.10 18.78 -29.55
N GLN A 77 2.15 19.45 -30.02
CA GLN A 77 2.13 19.97 -31.39
C GLN A 77 2.03 18.84 -32.41
N HIS A 78 2.80 17.77 -32.21
CA HIS A 78 2.69 16.61 -33.09
C HIS A 78 1.30 16.00 -33.01
N ALA A 79 0.79 15.78 -31.80
CA ALA A 79 -0.49 15.10 -31.64
C ALA A 79 -1.62 15.89 -32.27
N LEU A 80 -1.58 17.21 -32.16
CA LEU A 80 -2.62 18.03 -32.76
C LEU A 80 -2.43 18.17 -34.27
N ALA A 81 -1.19 18.13 -34.75
CA ALA A 81 -0.97 18.06 -36.19
C ALA A 81 -1.41 16.72 -36.77
N GLU A 82 -1.40 15.67 -35.95
CA GLU A 82 -1.83 14.35 -36.39
C GLU A 82 -3.33 14.12 -36.20
N GLY A 83 -4.10 15.16 -35.90
CA GLY A 83 -5.54 15.07 -35.89
C GLY A 83 -6.19 14.87 -34.54
N LEU A 84 -5.41 14.71 -33.48
CA LEU A 84 -6.01 14.57 -32.15
C LEU A 84 -6.64 15.88 -31.71
N THR A 85 -7.59 15.77 -30.80
CA THR A 85 -8.15 16.95 -30.16
C THR A 85 -7.41 17.23 -28.86
N GLU A 86 -7.55 18.47 -28.37
CA GLU A 86 -6.89 18.83 -27.12
C GLU A 86 -7.38 17.96 -25.98
N GLU A 87 -8.66 17.59 -25.98
CA GLU A 87 -9.14 16.70 -24.92
C GLU A 87 -8.57 15.29 -25.08
N GLU A 88 -8.37 14.82 -26.32
CA GLU A 88 -7.78 13.50 -26.51
C GLU A 88 -6.31 13.48 -26.09
N TYR A 89 -5.56 14.52 -26.46
CA TYR A 89 -4.18 14.60 -26.00
C TYR A 89 -4.11 14.73 -24.49
N GLN A 90 -5.06 15.46 -23.89
CA GLN A 90 -5.10 15.58 -22.44
C GLN A 90 -5.41 14.24 -21.79
N ALA A 91 -6.29 13.45 -22.42
CA ALA A 91 -6.56 12.12 -21.90
C ALA A 91 -5.31 11.24 -21.96
N PHE A 92 -4.53 11.37 -23.03
CA PHE A 92 -3.27 10.62 -23.09
C PHE A 92 -2.30 11.07 -22.02
N LEU A 93 -2.20 12.38 -21.80
CA LEU A 93 -1.32 12.88 -20.74
C LEU A 93 -1.74 12.34 -19.38
N VAL A 94 -3.05 12.39 -19.09
CA VAL A 94 -3.56 11.89 -17.82
C VAL A 94 -3.27 10.39 -17.69
N TYR A 95 -3.40 9.65 -18.80
CA TYR A 95 -3.13 8.21 -18.73
C TYR A 95 -1.67 7.94 -18.42
N ALA A 96 -0.76 8.62 -19.12
CA ALA A 96 0.66 8.44 -18.85
C ALA A 96 1.00 8.81 -17.41
N ALA A 97 0.41 9.91 -16.91
CA ALA A 97 0.67 10.31 -15.54
C ALA A 97 0.14 9.29 -14.55
N GLY A 98 -0.99 8.65 -14.87
CA GLY A 98 -1.48 7.57 -14.03
C GLY A 98 -0.53 6.39 -14.01
N VAL A 99 -0.06 5.97 -15.19
CA VAL A 99 0.87 4.85 -15.27
C VAL A 99 2.13 5.15 -14.48
N TYR A 100 2.62 6.39 -14.56
CA TYR A 100 3.80 6.78 -13.78
C TYR A 100 3.50 6.75 -12.28
N SER A 101 2.38 7.37 -11.87
CA SER A 101 2.07 7.52 -10.46
C SER A 101 1.74 6.19 -9.78
N ASN A 102 1.27 5.19 -10.53
CA ASN A 102 0.98 3.88 -9.96
C ASN A 102 2.06 2.85 -10.24
N MET A 103 3.06 3.18 -11.06
CA MET A 103 4.02 2.20 -11.58
C MET A 103 3.27 1.00 -12.17
N GLY A 104 2.33 1.30 -13.06
CA GLY A 104 1.51 0.28 -13.68
C GLY A 104 0.22 0.88 -14.20
N ASN A 105 -0.50 0.06 -14.97
CA ASN A 105 -1.76 0.47 -15.57
C ASN A 105 -2.98 -0.01 -14.77
N TYR A 106 -2.79 -0.28 -13.48
CA TYR A 106 -3.87 -0.59 -12.56
C TYR A 106 -3.76 0.32 -11.34
N LYS A 107 -4.90 0.79 -10.84
CA LYS A 107 -4.89 1.64 -9.67
C LYS A 107 -4.36 0.88 -8.46
N SER A 108 -3.35 1.44 -7.80
CA SER A 108 -2.86 0.84 -6.56
C SER A 108 -3.92 0.87 -5.46
N PHE A 109 -4.84 1.82 -5.53
CA PHE A 109 -5.96 1.95 -4.60
C PHE A 109 -7.22 1.59 -5.38
N GLY A 110 -7.53 0.29 -5.42
CA GLY A 110 -8.69 -0.17 -6.18
C GLY A 110 -8.42 -1.41 -7.00
N ASP A 111 -7.15 -1.61 -7.38
CA ASP A 111 -6.72 -2.79 -8.15
C ASP A 111 -7.50 -2.97 -9.45
N THR A 112 -7.96 -1.87 -10.04
CA THR A 112 -8.69 -1.90 -11.30
C THR A 112 -7.85 -1.31 -12.41
N LYS A 113 -7.99 -1.86 -13.60
CA LYS A 113 -7.26 -1.39 -14.77
C LYS A 113 -7.79 -0.02 -15.20
N PHE A 114 -6.92 0.75 -15.86
CA PHE A 114 -7.35 1.99 -16.52
C PHE A 114 -6.67 2.10 -17.87
N VAL A 115 -7.42 2.58 -18.86
CA VAL A 115 -6.96 2.63 -20.24
C VAL A 115 -6.97 4.07 -20.69
N PRO A 116 -6.24 4.41 -21.75
CA PRO A 116 -6.30 5.78 -22.28
C PRO A 116 -7.69 6.10 -22.82
N ASN A 117 -8.17 7.29 -22.48
CA ASN A 117 -9.53 7.71 -22.85
C ASN A 117 -9.53 8.41 -24.21
N LEU A 118 -9.17 7.65 -25.24
CA LEU A 118 -9.17 8.16 -26.61
C LEU A 118 -9.07 6.96 -27.55
N PRO A 119 -9.40 7.14 -28.83
CA PRO A 119 -9.34 6.01 -29.77
C PRO A 119 -7.92 5.48 -29.94
N LYS A 120 -7.82 4.16 -30.10
CA LYS A 120 -6.51 3.53 -30.20
C LYS A 120 -5.79 3.89 -31.49
N GLU A 121 -6.54 4.04 -32.60
CA GLU A 121 -5.91 4.36 -33.87
C GLU A 121 -5.29 5.74 -33.86
N LYS A 122 -5.93 6.71 -33.20
CA LYS A 122 -5.36 8.05 -33.10
C LYS A 122 -4.07 8.03 -32.28
N LEU A 123 -4.05 7.31 -31.17
CA LEU A 123 -2.83 7.21 -30.39
C LEU A 123 -1.74 6.48 -31.15
N GLU A 124 -2.12 5.50 -31.98
CA GLU A 124 -1.14 4.85 -32.85
C GLU A 124 -0.54 5.85 -33.82
N ARG A 125 -1.39 6.65 -34.46
CA ARG A 125 -0.94 7.74 -35.31
C ARG A 125 0.06 8.64 -34.58
N VAL A 126 -0.19 8.89 -33.29
CA VAL A 126 0.71 9.76 -32.53
C VAL A 126 2.04 9.07 -32.25
N ILE A 127 1.99 7.80 -31.83
CA ILE A 127 3.21 7.13 -31.37
C ILE A 127 4.11 6.79 -32.55
N LEU A 128 3.54 6.27 -33.64
CA LEU A 128 4.36 5.86 -34.77
C LEU A 128 4.91 7.04 -35.55
N GLY A 129 4.26 8.20 -35.48
CA GLY A 129 4.77 9.41 -36.08
C GLY A 129 5.62 10.26 -35.16
N SER A 130 5.85 9.81 -33.94
CA SER A 130 6.54 10.61 -32.94
C SER A 130 8.03 10.74 -33.27
N GLU A 131 8.70 11.60 -32.51
CA GLU A 131 10.14 11.79 -32.70
C GLU A 131 10.92 10.55 -32.26
N ALA A 132 10.50 9.92 -31.16
CA ALA A 132 11.14 8.68 -30.73
C ALA A 132 10.96 7.58 -31.75
N ALA A 133 9.85 7.57 -32.48
CA ALA A 133 9.65 6.60 -33.53
C ALA A 133 10.61 6.84 -34.70
N GLN A 134 10.81 8.11 -35.06
CA GLN A 134 11.75 8.43 -36.14
C GLN A 134 13.20 8.20 -35.72
N GLN A 135 13.50 8.24 -34.43
CA GLN A 135 14.85 7.96 -33.94
C GLN A 135 15.12 6.48 -33.69
N HIS A 136 14.07 5.71 -33.39
CA HIS A 136 14.23 4.28 -33.09
C HIS A 136 12.99 3.55 -33.61
N PRO A 137 12.88 3.38 -34.93
CA PRO A 137 11.67 2.75 -35.48
C PRO A 137 11.43 1.34 -34.95
N GLU A 138 12.48 0.52 -34.91
CA GLU A 138 12.34 -0.86 -34.47
C GLU A 138 11.79 -0.93 -33.05
N GLU A 139 12.42 -0.20 -32.13
CA GLU A 139 12.06 -0.29 -30.71
C GLU A 139 10.64 0.21 -30.47
N VAL A 140 10.29 1.37 -31.04
CA VAL A 140 8.98 1.95 -30.81
C VAL A 140 7.89 1.09 -31.43
N ARG A 141 8.10 0.62 -32.66
CA ARG A 141 7.09 -0.21 -33.31
C ARG A 141 6.93 -1.55 -32.59
N GLY A 142 8.04 -2.12 -32.10
CA GLY A 142 7.94 -3.35 -31.34
C GLY A 142 7.17 -3.15 -30.05
N LEU A 143 7.50 -2.09 -29.31
CA LEU A 143 6.77 -1.77 -28.08
C LEU A 143 5.29 -1.58 -28.35
N TRP A 144 4.95 -0.87 -29.42
CA TRP A 144 3.54 -0.63 -29.72
C TRP A 144 2.81 -1.92 -30.06
N GLN A 145 3.34 -2.69 -31.02
CA GLN A 145 2.72 -3.97 -31.36
C GLN A 145 2.63 -4.90 -30.15
N THR A 146 3.54 -4.74 -29.20
CA THR A 146 3.54 -5.64 -28.03
C THR A 146 2.52 -5.22 -26.99
N CYS A 147 2.32 -3.92 -26.78
CA CYS A 147 1.55 -3.48 -25.63
C CYS A 147 0.29 -2.68 -25.94
N GLY A 148 -0.02 -2.39 -27.21
CA GLY A 148 -1.11 -1.48 -27.50
C GLY A 148 -2.51 -1.96 -27.15
N GLU A 149 -2.91 -3.09 -27.73
CA GLU A 149 -4.26 -3.57 -27.47
C GLU A 149 -4.43 -3.98 -26.01
N LEU A 150 -3.36 -4.46 -25.37
CA LEU A 150 -3.40 -4.68 -23.92
C LEU A 150 -3.48 -3.38 -23.15
N MET A 151 -2.93 -2.30 -23.71
CA MET A 151 -3.09 -0.98 -23.11
C MET A 151 -4.52 -0.51 -23.16
N PHE A 152 -5.28 -0.95 -24.17
CA PHE A 152 -6.67 -0.53 -24.29
C PHE A 152 -7.68 -1.58 -23.87
N SER A 153 -7.35 -2.88 -23.92
CA SER A 153 -8.35 -3.93 -23.76
C SER A 153 -9.00 -3.88 -22.38
N LEU A 154 -10.33 -3.86 -22.36
CA LEU A 154 -11.12 -3.98 -21.14
C LEU A 154 -11.91 -5.28 -21.09
N GLU A 155 -11.34 -6.35 -21.65
CA GLU A 155 -11.97 -7.66 -21.56
C GLU A 155 -12.16 -8.03 -20.10
N PRO A 156 -13.31 -8.59 -19.73
CA PRO A 156 -13.66 -8.71 -18.29
C PRO A 156 -12.59 -9.36 -17.43
N ARG A 157 -11.82 -10.31 -17.96
CA ARG A 157 -10.77 -10.92 -17.15
C ARG A 157 -9.59 -10.00 -16.93
N LEU A 158 -9.51 -8.88 -17.66
CA LEU A 158 -8.42 -7.92 -17.51
C LEU A 158 -8.75 -6.76 -16.60
N ARG A 159 -9.99 -6.66 -16.13
CA ARG A 159 -10.43 -5.44 -15.45
C ARG A 159 -9.92 -5.33 -14.03
N HIS A 160 -9.68 -6.45 -13.35
CA HIS A 160 -9.28 -6.43 -11.95
C HIS A 160 -8.03 -7.28 -11.76
N LEU A 161 -7.21 -6.88 -10.79
CA LEU A 161 -6.13 -7.73 -10.34
C LEU A 161 -6.68 -8.93 -9.57
N GLY A 162 -6.05 -10.09 -9.76
CA GLY A 162 -6.49 -11.26 -9.02
C GLY A 162 -5.97 -12.59 -9.54
N LEU A 163 -5.98 -13.59 -8.67
CA LEU A 163 -5.58 -14.94 -9.04
C LEU A 163 -6.63 -15.57 -9.95
N GLY A 164 -6.31 -16.76 -10.45
CA GLY A 164 -7.27 -17.41 -11.32
C GLY A 164 -7.36 -16.75 -12.69
N LYS A 165 -8.41 -17.11 -13.42
CA LYS A 165 -8.60 -16.64 -14.78
C LYS A 165 -9.37 -15.34 -14.86
N GLU A 166 -10.27 -15.07 -13.92
CA GLU A 166 -11.07 -13.85 -13.95
C GLU A 166 -10.31 -12.64 -13.44
N GLY A 167 -9.02 -12.79 -13.13
CA GLY A 167 -8.20 -11.67 -12.71
C GLY A 167 -6.85 -11.71 -13.40
N ILE A 168 -6.04 -10.69 -13.12
CA ILE A 168 -4.69 -10.56 -13.66
C ILE A 168 -3.73 -10.31 -12.51
N THR A 169 -2.63 -11.05 -12.48
CA THR A 169 -1.57 -10.80 -11.52
C THR A 169 -0.26 -11.30 -12.09
N THR A 170 0.83 -10.60 -11.75
CA THR A 170 2.17 -11.04 -12.09
C THR A 170 2.95 -11.53 -10.87
N TYR A 171 2.36 -11.45 -9.67
CA TYR A 171 2.94 -12.18 -8.54
C TYR A 171 2.92 -13.67 -8.80
N PHE A 172 2.02 -14.14 -9.66
CA PHE A 172 1.94 -15.52 -10.09
C PHE A 172 1.87 -15.58 -11.61
N SER A 173 2.04 -16.77 -12.15
CA SER A 173 1.77 -16.97 -13.57
C SER A 173 0.27 -17.04 -13.81
N GLY A 174 -0.12 -16.86 -15.08
CA GLY A 174 -1.53 -16.78 -15.41
C GLY A 174 -2.34 -18.00 -15.00
N ASN A 175 -1.72 -19.18 -15.05
CA ASN A 175 -2.43 -20.42 -14.74
C ASN A 175 -2.52 -20.73 -13.25
N CYS A 176 -2.16 -19.79 -12.39
CA CYS A 176 -2.19 -20.02 -10.95
C CYS A 176 -3.54 -19.64 -10.35
N THR A 177 -3.96 -20.42 -9.36
CA THR A 177 -5.20 -20.20 -8.63
C THR A 177 -4.89 -20.03 -7.16
N MET A 178 -5.94 -19.79 -6.37
CA MET A 178 -5.77 -19.68 -4.93
C MET A 178 -5.23 -20.96 -4.34
N GLU A 179 -5.54 -22.10 -4.96
CA GLU A 179 -4.99 -23.37 -4.49
C GLU A 179 -3.47 -23.42 -4.65
N ASP A 180 -2.97 -22.93 -5.79
CA ASP A 180 -1.53 -22.89 -5.99
C ASP A 180 -0.86 -21.95 -5.00
N ALA A 181 -1.49 -20.81 -4.71
CA ALA A 181 -0.92 -19.89 -3.74
C ALA A 181 -0.93 -20.48 -2.34
N LYS A 182 -2.00 -21.21 -1.99
CA LYS A 182 -2.06 -21.87 -0.68
C LYS A 182 -0.98 -22.93 -0.54
N LEU A 183 -0.79 -23.74 -1.59
CA LEU A 183 0.26 -24.76 -1.55
C LEU A 183 1.64 -24.13 -1.48
N ALA A 184 1.85 -23.03 -2.22
CA ALA A 184 3.11 -22.32 -2.17
C ALA A 184 3.36 -21.77 -0.77
N GLN A 185 2.32 -21.24 -0.14
CA GLN A 185 2.48 -20.67 1.20
C GLN A 185 2.80 -21.75 2.22
N ASP A 186 2.14 -22.91 2.09
CA ASP A 186 2.46 -24.02 2.98
C ASP A 186 3.90 -24.49 2.80
N PHE A 187 4.36 -24.55 1.54
CA PHE A 187 5.75 -24.92 1.29
C PHE A 187 6.71 -23.90 1.88
N LEU A 188 6.43 -22.60 1.67
CA LEU A 188 7.30 -21.56 2.20
C LEU A 188 7.35 -21.60 3.73
N ASP A 189 6.19 -21.81 4.37
CA ASP A 189 6.17 -21.96 5.82
C ASP A 189 6.99 -23.16 6.26
N SER A 190 6.90 -24.27 5.52
CA SER A 190 7.68 -25.44 5.85
C SER A 190 9.18 -25.18 5.72
N GLN A 191 9.57 -24.29 4.81
CA GLN A 191 10.98 -24.00 4.58
C GLN A 191 11.48 -22.77 5.33
N ASN A 192 10.62 -22.11 6.11
CA ASN A 192 10.98 -20.88 6.83
C ASN A 192 11.49 -19.81 5.88
N LEU A 193 11.00 -19.82 4.65
CA LEU A 193 11.37 -18.84 3.62
C LEU A 193 10.19 -17.90 3.45
N SER A 194 10.42 -16.62 3.73
CA SER A 194 9.35 -15.63 3.65
C SER A 194 8.96 -15.38 2.19
N ALA A 195 7.67 -15.10 1.99
CA ALA A 195 7.17 -14.83 0.65
C ALA A 195 7.43 -13.41 0.19
N TYR A 196 7.84 -12.52 1.10
CA TYR A 196 7.84 -11.08 0.83
C TYR A 196 8.51 -10.76 -0.50
N ASN A 197 9.73 -11.26 -0.70
CA ASN A 197 10.53 -10.95 -1.88
C ASN A 197 10.48 -12.04 -2.93
N THR A 198 9.36 -12.78 -3.00
CA THR A 198 9.27 -13.94 -3.88
C THR A 198 8.05 -13.83 -4.78
N ARG A 199 8.14 -14.52 -5.92
CA ARG A 199 7.01 -14.75 -6.79
C ARG A 199 6.92 -16.24 -7.09
N LEU A 200 5.77 -16.66 -7.62
CA LEU A 200 5.51 -18.07 -7.89
C LEU A 200 5.12 -18.25 -9.34
N PHE A 201 5.83 -19.10 -10.06
CA PHE A 201 5.52 -19.43 -11.44
C PHE A 201 5.24 -20.92 -11.55
N LYS A 202 4.25 -21.28 -12.35
CA LYS A 202 3.86 -22.67 -12.52
C LYS A 202 3.92 -23.02 -14.00
N GLU A 203 4.66 -24.08 -14.33
CA GLU A 203 4.73 -24.58 -15.69
C GLU A 203 4.33 -26.05 -15.70
N VAL A 204 4.21 -26.62 -16.89
CA VAL A 204 3.82 -28.02 -17.03
C VAL A 204 4.76 -28.71 -18.01
N ASP A 205 4.91 -30.02 -17.84
CA ASP A 205 5.72 -30.82 -18.76
C ASP A 205 4.81 -31.41 -19.84
N GLY A 206 5.34 -32.39 -20.58
CA GLY A 206 4.53 -33.02 -21.62
C GLY A 206 3.34 -33.76 -21.07
N GLU A 207 3.51 -34.41 -19.92
CA GLU A 207 2.39 -35.07 -19.25
C GLU A 207 1.33 -34.07 -18.80
N GLY A 208 1.74 -32.86 -18.43
CA GLY A 208 0.86 -31.92 -17.79
C GLY A 208 1.08 -31.77 -16.30
N LYS A 209 2.19 -32.27 -15.79
CA LYS A 209 2.47 -32.22 -14.36
C LYS A 209 3.00 -30.85 -13.98
N PRO A 210 2.38 -30.14 -13.04
CA PRO A 210 2.82 -28.79 -12.69
C PRO A 210 4.14 -28.81 -11.91
N TYR A 211 5.12 -28.10 -12.44
CA TYR A 211 6.35 -27.75 -11.74
C TYR A 211 6.24 -26.32 -11.22
N TYR A 212 6.68 -26.11 -9.99
CA TYR A 212 6.57 -24.83 -9.31
C TYR A 212 7.96 -24.20 -9.14
N GLU A 213 8.08 -22.92 -9.48
CA GLU A 213 9.28 -22.13 -9.24
C GLU A 213 8.94 -21.01 -8.26
N VAL A 214 9.65 -20.95 -7.15
CA VAL A 214 9.56 -19.84 -6.21
C VAL A 214 10.78 -18.97 -6.44
N ARG A 215 10.61 -17.90 -7.21
CA ARG A 215 11.72 -17.04 -7.60
C ARG A 215 11.90 -15.93 -6.58
N LEU A 216 13.12 -15.78 -6.07
CA LEU A 216 13.45 -14.75 -5.11
C LEU A 216 13.99 -13.51 -5.82
N ALA A 217 13.73 -12.35 -5.23
CA ALA A 217 14.21 -11.09 -5.79
C ALA A 217 15.63 -10.85 -5.33
N SER A 218 16.57 -10.83 -6.26
CA SER A 218 17.98 -10.70 -5.91
C SER A 218 18.78 -10.18 -7.09
N VAL A 219 19.90 -9.52 -6.79
CA VAL A 219 20.86 -9.17 -7.83
C VAL A 219 21.51 -10.42 -8.39
N LEU A 220 22.06 -11.26 -7.52
CA LEU A 220 22.70 -12.49 -7.95
C LEU A 220 21.67 -13.49 -8.44
N GLY A 221 22.05 -14.27 -9.44
CA GLY A 221 21.22 -15.34 -9.98
C GLY A 221 21.54 -16.66 -9.34
N SER A 222 21.35 -17.74 -10.12
CA SER A 222 21.63 -19.08 -9.64
C SER A 222 23.01 -19.52 -10.11
N GLU A 223 24.01 -18.94 -9.45
CA GLU A 223 25.41 -19.23 -9.73
C GLU A 223 26.18 -19.11 -8.42
N PRO A 224 27.36 -19.73 -8.32
CA PRO A 224 28.10 -19.70 -7.05
C PRO A 224 28.47 -18.30 -6.61
N SER A 225 27.98 -17.91 -5.45
CA SER A 225 28.32 -16.64 -4.81
C SER A 225 28.75 -16.92 -3.38
N LEU A 226 29.17 -15.86 -2.70
CA LEU A 226 29.62 -15.99 -1.32
C LEU A 226 28.53 -16.61 -0.47
N ASP A 227 28.93 -17.47 0.46
CA ASP A 227 28.00 -18.32 1.18
C ASP A 227 26.96 -17.49 1.92
N SER A 228 25.70 -17.94 1.83
CA SER A 228 24.59 -17.31 2.52
C SER A 228 23.63 -18.39 2.98
N GLU A 229 22.67 -18.00 3.82
CA GLU A 229 21.53 -18.86 4.09
C GLU A 229 20.68 -19.06 2.84
N VAL A 230 20.83 -18.18 1.85
CA VAL A 230 20.04 -18.26 0.63
C VAL A 230 20.60 -19.30 -0.34
N THR A 231 21.93 -19.45 -0.37
CA THR A 231 22.55 -20.31 -1.37
C THR A 231 22.21 -21.78 -1.13
N SER A 232 22.02 -22.17 0.13
CA SER A 232 21.63 -23.54 0.43
C SER A 232 20.22 -23.84 -0.08
N LYS A 233 19.35 -22.83 -0.10
CA LYS A 233 17.95 -23.00 -0.44
C LYS A 233 17.69 -23.05 -1.94
N LEU A 234 18.73 -22.91 -2.78
CA LEU A 234 18.55 -22.84 -4.23
C LEU A 234 18.64 -24.26 -4.81
N LYS A 235 17.56 -25.01 -4.63
CA LYS A 235 17.51 -26.39 -5.10
C LYS A 235 16.07 -26.77 -5.39
N SER A 236 15.89 -28.01 -5.83
CA SER A 236 14.56 -28.56 -6.04
C SER A 236 14.10 -29.29 -4.79
N TYR A 237 12.77 -29.33 -4.62
CA TYR A 237 12.12 -29.94 -3.48
C TYR A 237 10.90 -30.70 -3.98
N GLU A 238 10.39 -31.59 -3.13
CA GLU A 238 9.10 -32.23 -3.33
C GLU A 238 8.24 -31.97 -2.12
N PHE A 239 7.01 -31.52 -2.36
CA PHE A 239 6.11 -31.07 -1.29
C PHE A 239 4.71 -31.56 -1.62
N ARG A 240 4.25 -32.56 -0.86
CA ARG A 240 2.92 -33.13 -1.05
C ARG A 240 2.73 -33.66 -2.47
N GLY A 241 3.81 -34.20 -3.04
CA GLY A 241 3.78 -34.71 -4.39
C GLY A 241 4.01 -33.68 -5.47
N SER A 242 4.28 -32.42 -5.12
CA SER A 242 4.50 -31.41 -6.13
C SER A 242 5.96 -30.98 -6.18
N PRO A 243 6.52 -30.77 -7.37
CA PRO A 243 7.92 -30.34 -7.45
C PRO A 243 8.07 -28.82 -7.34
N PHE A 244 8.89 -28.37 -6.40
CA PHE A 244 9.13 -26.95 -6.20
C PHE A 244 10.59 -26.63 -6.51
N GLN A 245 10.81 -25.45 -7.09
CA GLN A 245 12.15 -25.01 -7.47
C GLN A 245 12.37 -23.61 -6.95
N VAL A 246 13.22 -23.46 -5.94
CA VAL A 246 13.54 -22.15 -5.40
C VAL A 246 14.69 -21.55 -6.20
N THR A 247 14.42 -20.46 -6.88
CA THR A 247 15.40 -19.72 -7.67
C THR A 247 15.54 -18.32 -7.10
N ARG A 248 16.38 -17.51 -7.75
CA ARG A 248 16.51 -16.10 -7.41
C ARG A 248 16.91 -15.37 -8.69
N GLY A 249 17.38 -14.13 -8.53
CA GLY A 249 17.73 -13.31 -9.68
C GLY A 249 16.60 -12.52 -10.26
N ASP A 250 15.53 -12.31 -9.50
CA ASP A 250 14.37 -11.55 -9.98
C ASP A 250 14.67 -10.05 -9.92
N TYR A 251 14.19 -9.33 -10.94
CA TYR A 251 14.46 -7.90 -11.11
C TYR A 251 15.95 -7.57 -10.88
N ALA A 252 16.82 -8.43 -11.42
CA ALA A 252 18.23 -8.40 -11.00
C ALA A 252 18.93 -7.09 -11.34
N PRO A 253 18.92 -6.60 -12.59
CA PRO A 253 19.62 -5.32 -12.85
C PRO A 253 19.01 -4.12 -12.15
N ILE A 254 17.69 -4.13 -11.93
CA ILE A 254 17.05 -3.06 -11.16
C ILE A 254 17.63 -3.00 -9.76
N LEU A 255 17.60 -4.13 -9.05
CA LEU A 255 18.18 -4.18 -7.71
C LEU A 255 19.68 -3.94 -7.73
N GLN A 256 20.34 -4.21 -8.86
CA GLN A 256 21.73 -3.85 -9.01
C GLN A 256 21.92 -2.34 -8.90
N LYS A 257 21.13 -1.59 -9.67
CA LYS A 257 21.14 -0.13 -9.52
C LYS A 257 20.81 0.27 -8.09
N VAL A 258 19.83 -0.41 -7.49
CA VAL A 258 19.40 -0.06 -6.13
C VAL A 258 20.56 -0.19 -5.15
N VAL A 259 21.29 -1.32 -5.22
CA VAL A 259 22.37 -1.53 -4.27
C VAL A 259 23.54 -0.61 -4.57
N GLU A 260 23.75 -0.24 -5.84
CA GLU A 260 24.73 0.80 -6.15
C GLU A 260 24.43 2.07 -5.37
N GLN A 261 23.18 2.54 -5.46
CA GLN A 261 22.83 3.79 -4.80
C GLN A 261 22.82 3.63 -3.28
N LEU A 262 22.47 2.44 -2.78
CA LEU A 262 22.50 2.22 -1.34
C LEU A 262 23.94 2.25 -0.80
N GLU A 263 24.86 1.61 -1.52
CA GLU A 263 26.27 1.70 -1.16
C GLU A 263 26.74 3.15 -1.15
N LYS A 264 26.36 3.92 -2.19
CA LYS A 264 26.77 5.33 -2.22
C LYS A 264 26.20 6.10 -1.05
N ALA A 265 24.94 5.82 -0.67
CA ALA A 265 24.35 6.48 0.49
C ALA A 265 25.03 6.06 1.78
N LYS A 266 25.61 4.86 1.80
CA LYS A 266 26.26 4.37 3.01
C LYS A 266 27.43 5.24 3.44
N ALA A 267 28.08 5.92 2.48
CA ALA A 267 29.22 6.76 2.82
C ALA A 267 28.80 8.00 3.59
N TYR A 268 27.57 8.48 3.38
CA TYR A 268 27.08 9.70 4.01
C TYR A 268 26.13 9.39 5.17
N ALA A 269 26.25 8.22 5.79
CA ALA A 269 25.39 7.85 6.89
C ALA A 269 25.78 8.59 8.16
N ALA A 270 24.79 8.92 8.98
CA ALA A 270 25.04 9.72 10.17
C ALA A 270 25.69 8.89 11.28
N ASN A 271 25.15 7.71 11.55
CA ASN A 271 25.65 6.87 12.64
C ASN A 271 25.77 5.43 12.16
N SER A 272 26.32 4.58 13.04
CA SER A 272 26.56 3.18 12.67
C SER A 272 25.25 2.40 12.50
N HIS A 273 24.18 2.83 13.15
CA HIS A 273 22.88 2.20 12.95
C HIS A 273 22.48 2.25 11.48
N GLN A 274 22.56 3.45 10.88
CA GLN A 274 22.20 3.60 9.47
C GLN A 274 23.14 2.82 8.57
N GLY A 275 24.45 2.87 8.85
CA GLY A 275 25.40 2.15 8.02
C GLY A 275 25.19 0.65 8.04
N GLN A 276 24.91 0.09 9.22
CA GLN A 276 24.69 -1.35 9.31
C GLN A 276 23.35 -1.75 8.71
N MET A 277 22.31 -0.92 8.90
CA MET A 277 21.03 -1.22 8.27
C MET A 277 21.17 -1.18 6.74
N LEU A 278 22.02 -0.28 6.23
CA LEU A 278 22.21 -0.21 4.79
C LEU A 278 23.02 -1.39 4.28
N ALA A 279 24.03 -1.81 5.04
CA ALA A 279 24.77 -3.02 4.67
C ALA A 279 23.84 -4.22 4.62
N GLN A 280 22.94 -4.34 5.60
CA GLN A 280 22.02 -5.47 5.60
C GLN A 280 20.98 -5.38 4.49
N TYR A 281 20.58 -4.16 4.11
CA TYR A 281 19.69 -4.00 2.97
C TYR A 281 20.39 -4.43 1.68
N ILE A 282 21.67 -4.06 1.54
CA ILE A 282 22.45 -4.50 0.39
C ILE A 282 22.52 -6.03 0.37
N GLU A 283 22.76 -6.64 1.53
CA GLU A 283 22.77 -8.10 1.61
C GLU A 283 21.43 -8.69 1.19
N SER A 284 20.33 -8.14 1.70
CA SER A 284 19.00 -8.65 1.38
C SER A 284 18.71 -8.56 -0.11
N PHE A 285 19.09 -7.43 -0.73
CA PHE A 285 18.79 -7.24 -2.14
C PHE A 285 19.75 -7.98 -3.07
N THR A 286 20.96 -8.27 -2.62
CA THR A 286 21.93 -8.96 -3.47
C THR A 286 21.79 -10.48 -3.39
N GLN A 287 21.58 -11.02 -2.19
CA GLN A 287 21.47 -12.48 -2.04
C GLN A 287 20.05 -12.97 -2.23
N GLY A 288 19.06 -12.21 -1.76
CA GLY A 288 17.69 -12.64 -1.66
C GLY A 288 17.23 -12.98 -0.23
N SER A 289 17.91 -12.49 0.80
CA SER A 289 17.66 -12.90 2.18
C SER A 289 16.64 -11.96 2.83
N ILE A 290 15.47 -12.50 3.17
CA ILE A 290 14.56 -11.76 4.05
C ILE A 290 15.16 -11.63 5.44
N GLU A 291 16.03 -12.57 5.83
CA GLU A 291 16.69 -12.49 7.13
C GLU A 291 17.66 -11.30 7.18
N ALA A 292 18.41 -11.07 6.11
CA ALA A 292 19.27 -9.90 6.06
C ALA A 292 18.45 -8.62 6.17
N HIS A 293 17.29 -8.59 5.51
CA HIS A 293 16.39 -7.45 5.63
C HIS A 293 15.86 -7.32 7.05
N LYS A 294 15.64 -8.44 7.74
CA LYS A 294 15.19 -8.39 9.13
C LYS A 294 16.26 -7.78 10.03
N ARG A 295 17.51 -8.17 9.82
CA ARG A 295 18.60 -7.60 10.62
C ARG A 295 18.78 -6.12 10.32
N GLY A 296 18.68 -5.73 9.05
CA GLY A 296 18.71 -4.33 8.71
C GLY A 296 17.58 -3.55 9.35
N SER A 297 16.38 -4.16 9.39
CA SER A 297 15.25 -3.51 10.03
C SER A 297 15.44 -3.40 11.54
N ARG A 298 16.13 -4.37 12.15
CA ARG A 298 16.45 -4.27 13.57
C ARG A 298 17.37 -3.07 13.82
N PHE A 299 18.47 -2.99 13.07
CA PHE A 299 19.35 -1.83 13.16
C PHE A 299 18.59 -0.54 12.89
N TRP A 300 17.60 -0.59 12.01
CA TRP A 300 16.84 0.61 11.66
C TRP A 300 15.95 1.06 12.82
N ILE A 301 15.24 0.10 13.44
CA ILE A 301 14.49 0.41 14.64
C ILE A 301 15.40 1.01 15.69
N GLN A 302 16.66 0.56 15.75
CA GLN A 302 17.57 1.11 16.75
C GLN A 302 17.93 2.56 16.47
N ASP A 303 17.91 2.98 15.20
CA ASP A 303 18.19 4.37 14.86
C ASP A 303 16.99 5.23 15.22
N LYS A 304 17.06 5.92 16.36
CA LYS A 304 15.95 6.70 16.86
C LYS A 304 16.08 8.17 16.47
N GLY A 305 14.98 8.74 16.00
CA GLY A 305 14.90 10.13 15.62
C GLY A 305 16.02 10.64 14.73
N PRO A 306 16.20 10.05 13.56
CA PRO A 306 17.16 10.61 12.60
C PRO A 306 16.53 11.77 11.84
N ILE A 307 17.39 12.61 11.29
CA ILE A 307 16.88 13.77 10.54
C ILE A 307 16.35 13.33 9.17
N VAL A 308 17.00 12.35 8.55
CA VAL A 308 16.55 11.79 7.28
C VAL A 308 16.11 10.35 7.55
N GLU A 309 14.80 10.16 7.73
CA GLU A 309 14.23 8.84 7.93
C GLU A 309 14.01 8.15 6.59
N SER A 310 14.16 6.83 6.58
CA SER A 310 13.99 6.08 5.34
C SER A 310 13.71 4.62 5.63
N TYR A 311 13.15 3.95 4.63
CA TYR A 311 12.89 2.52 4.66
C TYR A 311 12.71 2.06 3.22
N ILE A 312 13.07 0.81 2.93
CA ILE A 312 13.07 0.32 1.56
C ILE A 312 12.99 -1.20 1.58
N GLY A 313 12.32 -1.77 0.57
CA GLY A 313 12.26 -3.20 0.38
C GLY A 313 10.88 -3.62 -0.10
N PHE A 314 10.66 -4.93 -0.10
CA PHE A 314 9.38 -5.53 -0.46
C PHE A 314 8.52 -5.61 0.81
N ILE A 315 7.87 -4.49 1.12
CA ILE A 315 7.33 -4.26 2.46
C ILE A 315 5.89 -4.73 2.57
N GLU A 316 4.97 -4.07 1.86
CA GLU A 316 3.54 -4.27 2.08
C GLU A 316 3.00 -5.37 1.19
N SER A 317 2.05 -6.13 1.73
CA SER A 317 1.44 -7.26 1.02
C SER A 317 -0.03 -7.00 0.74
N TYR A 318 -0.34 -5.86 0.12
CA TYR A 318 -1.72 -5.53 -0.20
C TYR A 318 -2.14 -6.06 -1.57
N ARG A 319 -1.24 -6.03 -2.55
CA ARG A 319 -1.60 -6.32 -3.92
C ARG A 319 -1.34 -7.75 -4.34
N ASP A 320 -0.59 -8.51 -3.55
CA ASP A 320 -0.57 -9.95 -3.72
C ASP A 320 -1.99 -10.48 -3.54
N PRO A 321 -2.62 -11.04 -4.57
CA PRO A 321 -3.98 -11.57 -4.38
C PRO A 321 -4.07 -12.62 -3.29
N PHE A 322 -2.96 -13.29 -2.94
CA PHE A 322 -2.99 -14.22 -1.83
C PHE A 322 -2.76 -13.50 -0.49
N GLY A 323 -1.89 -12.50 -0.47
CA GLY A 323 -1.71 -11.67 0.71
C GLY A 323 -0.41 -11.82 1.46
N SER A 324 0.60 -12.48 0.90
CA SER A 324 1.87 -12.65 1.58
C SER A 324 3.06 -12.01 0.85
N ARG A 325 3.04 -11.94 -0.47
CA ARG A 325 4.14 -11.33 -1.21
C ARG A 325 4.08 -9.81 -1.13
N GLY A 326 5.24 -9.18 -1.19
CA GLY A 326 5.38 -7.75 -0.94
C GLY A 326 5.68 -6.98 -2.22
N GLU A 327 4.99 -5.85 -2.38
CA GLU A 327 5.29 -4.91 -3.44
C GLU A 327 6.46 -4.03 -3.03
N PHE A 328 7.32 -3.69 -4.00
CA PHE A 328 8.48 -2.87 -3.66
C PHE A 328 8.06 -1.44 -3.38
N GLU A 329 8.69 -0.85 -2.36
CA GLU A 329 8.52 0.56 -2.07
C GLU A 329 9.80 1.05 -1.41
N GLY A 330 9.84 2.35 -1.14
CA GLY A 330 10.99 2.96 -0.51
C GLY A 330 10.82 4.45 -0.39
N PHE A 331 10.93 4.99 0.82
CA PHE A 331 10.72 6.41 1.03
C PHE A 331 11.93 7.05 1.69
N VAL A 332 12.08 8.34 1.42
CA VAL A 332 13.04 9.21 2.09
C VAL A 332 12.27 10.41 2.61
N ALA A 333 12.49 10.76 3.87
CA ALA A 333 11.71 11.83 4.48
C ALA A 333 12.57 12.55 5.52
N VAL A 334 12.18 13.79 5.81
CA VAL A 334 12.81 14.62 6.82
C VAL A 334 11.87 14.73 8.01
N VAL A 335 12.42 14.59 9.22
CA VAL A 335 11.59 14.74 10.41
C VAL A 335 11.03 16.15 10.48
N ASN A 336 9.81 16.27 10.99
CA ASN A 336 9.15 17.55 11.24
C ASN A 336 8.88 17.59 12.73
N LYS A 337 9.80 18.20 13.48
CA LYS A 337 9.76 18.11 14.94
C LYS A 337 8.53 18.81 15.51
N ALA A 338 8.13 19.93 14.90
CA ALA A 338 6.94 20.65 15.38
C ALA A 338 5.70 19.76 15.29
N MET A 339 5.50 19.10 14.14
CA MET A 339 4.36 18.22 13.99
C MET A 339 4.56 16.89 14.72
N SER A 340 5.81 16.47 14.93
CA SER A 340 6.09 15.26 15.68
C SER A 340 5.91 15.44 17.18
N ALA A 341 5.79 16.68 17.65
CA ALA A 341 5.62 16.93 19.08
C ALA A 341 4.38 16.23 19.61
N LYS A 342 3.24 16.37 18.93
CA LYS A 342 2.00 15.78 19.41
C LYS A 342 2.08 14.25 19.43
N PHE A 343 2.81 13.65 18.49
CA PHE A 343 2.87 12.20 18.44
C PHE A 343 3.85 11.64 19.47
N GLU A 344 4.95 12.34 19.72
CA GLU A 344 5.79 11.97 20.86
C GLU A 344 5.04 12.13 22.17
N ARG A 345 4.16 13.14 22.25
CA ARG A 345 3.26 13.27 23.39
C ARG A 345 2.37 12.05 23.53
N LEU A 346 1.76 11.62 22.42
CA LEU A 346 0.92 10.43 22.44
C LEU A 346 1.70 9.20 22.87
N VAL A 347 2.98 9.12 22.48
CA VAL A 347 3.82 8.02 22.92
C VAL A 347 4.10 8.11 24.42
N ALA A 348 4.16 9.34 24.96
CA ALA A 348 4.51 9.52 26.37
C ALA A 348 3.54 8.78 27.29
N SER A 349 2.25 8.77 26.95
CA SER A 349 1.25 8.08 27.75
C SER A 349 0.67 6.87 27.02
N ALA A 350 1.47 6.24 26.16
CA ALA A 350 0.96 5.16 25.31
C ALA A 350 0.82 3.85 26.08
N GLU A 351 1.83 3.50 26.88
CA GLU A 351 1.79 2.26 27.66
C GLU A 351 0.56 2.23 28.56
N GLN A 352 0.27 3.34 29.24
CA GLN A 352 -0.93 3.41 30.06
C GLN A 352 -2.20 3.51 29.23
N LEU A 353 -2.09 3.98 27.98
CA LEU A 353 -3.26 4.05 27.11
C LEU A 353 -3.68 2.67 26.62
N LEU A 354 -2.73 1.75 26.43
CA LEU A 354 -3.06 0.42 25.95
C LEU A 354 -3.97 -0.31 26.94
N LYS A 355 -3.78 -0.07 28.24
CA LYS A 355 -4.53 -0.79 29.27
C LYS A 355 -6.04 -0.58 29.13
N GLU A 356 -6.48 0.51 28.49
CA GLU A 356 -7.90 0.76 28.30
C GLU A 356 -8.51 -0.06 27.19
N LEU A 357 -7.69 -0.73 26.38
CA LEU A 357 -8.21 -1.51 25.27
C LEU A 357 -8.97 -2.74 25.79
N PRO A 358 -10.02 -3.18 25.06
CA PRO A 358 -10.96 -4.18 25.59
C PRO A 358 -10.49 -5.63 25.50
N TRP A 359 -9.30 -5.90 26.03
CA TRP A 359 -8.81 -7.26 26.13
C TRP A 359 -7.78 -7.34 27.26
N PRO A 360 -7.65 -8.50 27.90
CA PRO A 360 -6.82 -8.58 29.11
C PRO A 360 -5.34 -8.51 28.77
N PRO A 361 -4.49 -8.10 29.72
CA PRO A 361 -3.06 -7.95 29.43
C PRO A 361 -2.36 -9.25 29.04
N THR A 362 -3.02 -10.40 29.16
CA THR A 362 -2.43 -11.64 28.67
C THR A 362 -2.46 -11.73 27.15
N PHE A 363 -3.36 -10.99 26.50
CA PHE A 363 -3.42 -10.88 25.06
C PHE A 363 -2.70 -9.65 24.53
N GLU A 364 -1.99 -8.93 25.39
CA GLU A 364 -1.22 -7.75 25.02
C GLU A 364 0.27 -8.07 25.07
N LYS A 365 1.05 -7.33 24.29
CA LYS A 365 2.50 -7.51 24.29
C LYS A 365 3.05 -7.52 25.71
N ASP A 366 4.08 -8.33 25.92
CA ASP A 366 4.61 -8.53 27.27
C ASP A 366 5.11 -7.21 27.86
N LYS A 367 6.13 -6.60 27.26
CA LYS A 367 6.63 -5.32 27.70
C LYS A 367 6.39 -4.27 26.63
N PHE A 368 5.91 -3.11 27.05
CA PHE A 368 5.77 -1.97 26.15
C PHE A 368 7.14 -1.40 25.83
N LEU A 369 7.51 -1.42 24.55
CA LEU A 369 8.75 -0.81 24.10
C LEU A 369 8.44 0.59 23.60
N THR A 370 9.16 1.59 24.13
CA THR A 370 8.96 2.98 23.74
C THR A 370 9.16 3.12 22.23
N PRO A 371 8.11 3.26 21.46
CA PRO A 371 8.24 3.26 20.00
C PRO A 371 8.42 4.66 19.44
N ASP A 372 9.32 4.77 18.47
CA ASP A 372 9.53 6.04 17.79
C ASP A 372 8.28 6.40 16.98
N PHE A 373 7.84 7.65 17.12
CA PHE A 373 6.73 8.17 16.32
C PHE A 373 7.09 9.57 15.89
N THR A 374 7.28 9.76 14.58
CA THR A 374 7.64 11.04 14.02
C THR A 374 6.65 11.44 12.94
N SER A 375 6.50 12.75 12.75
CA SER A 375 5.81 13.29 11.59
C SER A 375 6.85 13.65 10.55
N LEU A 376 6.70 13.11 9.35
CA LEU A 376 7.72 13.21 8.31
C LEU A 376 7.22 14.03 7.12
N ASP A 377 8.14 14.71 6.47
CA ASP A 377 7.91 15.38 5.19
C ASP A 377 8.64 14.58 4.11
N VAL A 378 7.88 14.06 3.15
CA VAL A 378 8.39 13.15 2.15
C VAL A 378 9.15 13.92 1.08
N LEU A 379 10.31 13.39 0.69
CA LEU A 379 10.99 13.80 -0.54
C LEU A 379 10.79 12.80 -1.66
N THR A 380 10.74 11.51 -1.30
CA THR A 380 10.59 10.43 -2.25
C THR A 380 9.72 9.35 -1.62
N PHE A 381 8.72 8.88 -2.37
CA PHE A 381 7.98 7.68 -1.99
C PHE A 381 7.73 6.89 -3.27
N ALA A 382 8.73 6.10 -3.67
CA ALA A 382 8.63 5.29 -4.87
C ALA A 382 7.66 4.13 -4.64
N GLY A 383 7.22 3.54 -5.74
CA GLY A 383 6.22 2.51 -5.69
C GLY A 383 4.90 2.96 -6.31
N SER A 384 3.84 2.29 -5.88
CA SER A 384 2.54 2.46 -6.51
C SER A 384 1.66 3.49 -5.82
N GLY A 385 1.97 3.89 -4.59
CA GLY A 385 1.13 4.82 -3.88
C GLY A 385 1.82 5.41 -2.68
N ILE A 386 1.33 6.56 -2.26
CA ILE A 386 1.82 7.27 -1.08
C ILE A 386 0.76 7.17 0.01
N PRO A 387 1.08 6.59 1.17
CA PRO A 387 0.10 6.50 2.25
C PRO A 387 0.15 7.74 3.13
N ALA A 388 -0.79 7.80 4.08
CA ALA A 388 -0.82 8.87 5.06
C ALA A 388 0.09 8.60 6.25
N GLY A 389 0.24 7.33 6.63
CA GLY A 389 1.10 6.95 7.74
C GLY A 389 1.44 5.49 7.66
N ILE A 390 2.50 5.12 8.35
CA ILE A 390 2.99 3.74 8.34
C ILE A 390 3.29 3.28 9.76
N ASN A 391 3.09 1.99 9.99
CA ASN A 391 3.61 1.27 11.15
C ASN A 391 4.52 0.19 10.61
N ILE A 392 5.82 0.31 10.87
CA ILE A 392 6.79 -0.61 10.26
C ILE A 392 7.94 -0.86 11.22
N PRO A 393 8.65 -1.99 11.12
CA PRO A 393 8.55 -3.05 10.11
C PRO A 393 7.37 -3.97 10.31
N ASN A 394 6.98 -4.68 9.25
CA ASN A 394 5.88 -5.63 9.31
C ASN A 394 6.30 -6.98 9.85
N TYR A 395 7.56 -7.16 10.23
CA TYR A 395 8.01 -8.39 10.86
C TYR A 395 7.49 -8.43 12.29
N ASP A 396 6.48 -9.26 12.53
CA ASP A 396 5.82 -9.27 13.84
C ASP A 396 6.76 -9.75 14.93
N ASP A 397 7.70 -10.64 14.61
CA ASP A 397 8.72 -11.00 15.59
C ASP A 397 9.49 -9.77 16.05
N LEU A 398 10.00 -8.98 15.10
CA LEU A 398 10.65 -7.72 15.45
C LEU A 398 9.70 -6.79 16.20
N ARG A 399 8.44 -6.71 15.75
CA ARG A 399 7.47 -5.84 16.41
C ARG A 399 7.19 -6.25 17.84
N GLN A 400 7.44 -7.50 18.20
CA GLN A 400 7.22 -7.96 19.56
C GLN A 400 8.49 -8.02 20.41
N THR A 401 9.67 -8.10 19.80
CA THR A 401 10.90 -8.20 20.58
C THR A 401 11.70 -6.90 20.62
N GLU A 402 11.92 -6.26 19.47
CA GLU A 402 12.80 -5.10 19.40
C GLU A 402 12.06 -3.78 19.41
N GLY A 403 10.88 -3.71 18.81
CA GLY A 403 10.10 -2.51 18.76
C GLY A 403 9.71 -2.19 17.33
N PHE A 404 9.10 -1.02 17.15
CA PHE A 404 8.60 -0.62 15.84
C PHE A 404 8.59 0.89 15.76
N LYS A 405 8.42 1.39 14.54
CA LYS A 405 8.38 2.80 14.24
C LYS A 405 7.03 3.17 13.64
N ASN A 406 6.48 4.27 14.12
CA ASN A 406 5.27 4.87 13.56
C ASN A 406 5.65 6.17 12.85
N VAL A 407 4.98 6.43 11.73
CA VAL A 407 5.36 7.53 10.84
C VAL A 407 4.09 8.16 10.31
N SER A 408 3.99 9.49 10.43
CA SER A 408 2.86 10.24 9.87
C SER A 408 3.43 11.18 8.81
N LEU A 409 3.06 10.96 7.56
CA LEU A 409 3.57 11.76 6.44
C LEU A 409 2.81 13.08 6.42
N GLY A 410 3.49 14.15 6.85
CA GLY A 410 2.80 15.41 7.06
C GLY A 410 2.43 16.10 5.77
N ASN A 411 3.37 16.21 4.84
CA ASN A 411 3.09 16.88 3.58
C ASN A 411 2.21 16.06 2.64
N VAL A 412 1.94 14.80 2.97
CA VAL A 412 0.94 14.00 2.27
C VAL A 412 -0.44 14.22 2.88
N LEU A 413 -0.50 14.18 4.21
CA LEU A 413 -1.72 14.54 4.92
C LEU A 413 -2.21 15.91 4.51
N ALA A 414 -1.28 16.86 4.33
CA ALA A 414 -1.67 18.22 3.96
C ALA A 414 -2.21 18.27 2.53
N VAL A 415 -1.59 17.51 1.61
CA VAL A 415 -2.10 17.45 0.24
C VAL A 415 -3.51 16.87 0.23
N ALA A 416 -3.76 15.87 1.08
CA ALA A 416 -5.06 15.22 1.11
C ALA A 416 -6.11 15.94 1.96
N TYR A 417 -5.70 16.91 2.80
CA TYR A 417 -6.64 17.56 3.71
C TYR A 417 -7.70 18.35 2.95
N ALA A 418 -7.36 18.89 1.79
CA ALA A 418 -8.23 19.83 1.10
C ALA A 418 -9.35 19.11 0.37
N THR A 419 -10.58 19.56 0.61
CA THR A 419 -11.76 19.12 -0.13
C THR A 419 -12.70 20.31 -0.31
N GLN A 420 -13.56 20.21 -1.30
CA GLN A 420 -14.57 21.23 -1.56
C GLN A 420 -15.93 20.77 -1.06
N ARG A 421 -16.82 21.74 -0.85
CA ARG A 421 -18.13 21.43 -0.28
C ARG A 421 -18.95 20.57 -1.23
N GLU A 422 -18.85 20.82 -2.54
CA GLU A 422 -19.68 20.09 -3.50
C GLU A 422 -19.34 18.60 -3.53
N LYS A 423 -18.04 18.28 -3.46
CA LYS A 423 -17.59 16.89 -3.58
C LYS A 423 -17.85 16.07 -2.32
N LEU A 424 -18.22 16.71 -1.21
CA LEU A 424 -18.48 15.98 0.03
C LEU A 424 -19.86 15.36 -0.05
N THR A 425 -19.92 14.15 -0.59
CA THR A 425 -21.18 13.50 -0.92
C THR A 425 -21.75 12.75 0.29
N PHE A 426 -23.05 12.47 0.21
CA PHE A 426 -23.79 11.63 1.14
C PHE A 426 -23.88 12.22 2.55
N LEU A 427 -23.63 13.51 2.70
CA LEU A 427 -23.78 14.19 3.97
C LEU A 427 -24.86 15.26 3.87
N GLU A 428 -25.55 15.50 4.98
CA GLU A 428 -26.45 16.64 5.01
C GLU A 428 -25.66 17.91 5.27
N GLU A 429 -26.24 19.05 4.84
CA GLU A 429 -25.52 20.31 4.90
C GLU A 429 -25.07 20.65 6.32
N ASP A 430 -25.84 20.25 7.33
CA ASP A 430 -25.43 20.47 8.71
C ASP A 430 -24.15 19.72 9.04
N ASP A 431 -23.95 18.53 8.46
CA ASP A 431 -22.78 17.73 8.76
C ASP A 431 -21.55 18.22 8.01
N LYS A 432 -21.73 18.72 6.78
CA LYS A 432 -20.60 19.09 5.95
C LYS A 432 -19.77 20.20 6.60
N ASP A 433 -20.41 21.12 7.32
CA ASP A 433 -19.67 22.22 7.92
C ASP A 433 -18.74 21.73 9.03
N LEU A 434 -19.27 20.90 9.94
CA LEU A 434 -18.44 20.28 10.96
C LEU A 434 -17.34 19.44 10.33
N TYR A 435 -17.67 18.73 9.24
CA TYR A 435 -16.67 17.93 8.54
C TYR A 435 -15.51 18.80 8.05
N ILE A 436 -15.84 19.88 7.34
CA ILE A 436 -14.80 20.79 6.83
C ILE A 436 -14.00 21.36 7.98
N LEU A 437 -14.66 21.74 9.07
CA LEU A 437 -13.98 22.43 10.16
C LEU A 437 -13.06 21.51 10.94
N TRP A 438 -13.38 20.21 11.03
CA TRP A 438 -12.67 19.34 11.95
C TRP A 438 -11.96 18.16 11.30
N LYS A 439 -12.03 18.00 9.97
CA LYS A 439 -11.47 16.82 9.33
C LYS A 439 -9.98 16.65 9.63
N GLY A 440 -9.20 17.72 9.47
CA GLY A 440 -7.78 17.68 9.67
C GLY A 440 -7.34 17.22 11.05
N PRO A 441 -7.74 17.95 12.09
CA PRO A 441 -7.38 17.53 13.46
C PRO A 441 -7.91 16.16 13.82
N SER A 442 -9.15 15.85 13.43
CA SER A 442 -9.67 14.51 13.65
C SER A 442 -8.80 13.47 12.96
N PHE A 443 -8.21 13.83 11.82
CA PHE A 443 -7.33 12.89 11.13
C PHE A 443 -5.99 12.74 11.84
N ASP A 444 -5.43 13.82 12.38
CA ASP A 444 -4.27 13.68 13.26
C ASP A 444 -4.55 12.68 14.37
N VAL A 445 -5.69 12.86 15.05
CA VAL A 445 -6.09 11.96 16.13
C VAL A 445 -6.19 10.52 15.63
N GLN A 446 -6.96 10.31 14.55
CA GLN A 446 -7.23 8.96 14.07
C GLN A 446 -5.96 8.27 13.60
N VAL A 447 -5.08 9.00 12.90
CA VAL A 447 -3.84 8.40 12.42
C VAL A 447 -2.93 8.04 13.59
N GLY A 448 -2.82 8.92 14.58
CA GLY A 448 -2.02 8.58 15.74
C GLY A 448 -2.52 7.33 16.44
N LEU A 449 -3.82 7.26 16.68
CA LEU A 449 -4.39 6.09 17.36
C LEU A 449 -4.25 4.83 16.51
N HIS A 450 -4.45 4.98 15.20
CA HIS A 450 -4.36 3.85 14.27
C HIS A 450 -2.95 3.26 14.26
N ALA A 451 -1.94 4.12 14.18
CA ALA A 451 -0.56 3.64 14.10
C ALA A 451 -0.07 3.14 15.46
N LEU A 452 -0.11 4.00 16.48
CA LEU A 452 0.57 3.69 17.73
C LEU A 452 -0.17 2.61 18.52
N LEU A 453 -1.47 2.80 18.72
CA LEU A 453 -2.27 1.92 19.58
C LEU A 453 -3.06 0.88 18.79
N GLY A 454 -3.14 1.02 17.47
CA GLY A 454 -3.80 0.01 16.66
C GLY A 454 -2.86 -1.08 16.22
N HIS A 455 -2.01 -0.80 15.23
CA HIS A 455 -1.05 -1.79 14.78
C HIS A 455 -0.02 -2.11 15.85
N GLY A 456 0.27 -1.17 16.73
CA GLY A 456 1.25 -1.37 17.78
C GLY A 456 0.78 -2.16 18.97
N SER A 457 -0.47 -2.62 18.96
CA SER A 457 -1.03 -3.39 20.06
C SER A 457 -1.34 -4.81 19.59
N GLY A 458 -1.30 -5.75 20.53
CA GLY A 458 -1.63 -7.12 20.21
C GLY A 458 -0.44 -8.04 20.39
N LYS A 459 -0.70 -9.18 21.03
CA LYS A 459 0.31 -10.21 21.26
C LYS A 459 -0.12 -11.46 20.52
N LEU A 460 0.71 -11.93 19.60
CA LEU A 460 0.46 -13.18 18.89
C LEU A 460 1.02 -14.33 19.69
N PHE A 461 0.18 -15.34 19.95
CA PHE A 461 0.61 -16.53 20.68
C PHE A 461 1.36 -17.45 19.74
N VAL A 462 2.68 -17.54 19.93
CA VAL A 462 3.53 -18.37 19.10
C VAL A 462 4.06 -19.54 19.92
N GLN A 463 4.09 -20.72 19.31
CA GLN A 463 4.65 -21.90 19.93
C GLN A 463 5.92 -22.31 19.20
N ASP A 464 6.90 -22.78 19.97
CA ASP A 464 8.17 -23.23 19.41
C ASP A 464 7.99 -24.58 18.72
N GLU A 465 9.11 -25.13 18.24
CA GLU A 465 9.12 -26.52 17.78
C GLU A 465 9.20 -27.50 18.94
N LYS A 466 9.67 -27.04 20.10
CA LYS A 466 9.63 -27.82 21.33
C LYS A 466 8.50 -27.37 22.26
N GLY A 467 7.46 -26.77 21.71
CA GLY A 467 6.30 -26.40 22.49
C GLY A 467 6.52 -25.25 23.46
N ALA A 468 7.53 -24.43 23.24
CA ALA A 468 7.81 -23.30 24.14
C ALA A 468 6.86 -22.16 23.77
N PHE A 469 5.69 -22.15 24.39
CA PHE A 469 4.75 -21.05 24.21
C PHE A 469 5.35 -19.75 24.72
N ASN A 470 5.17 -18.68 23.95
CA ASN A 470 5.58 -17.37 24.40
C ASN A 470 4.64 -16.78 25.44
N PHE A 471 3.60 -17.52 25.82
CA PHE A 471 2.66 -17.11 26.85
C PHE A 471 2.51 -18.21 27.90
N ASP A 472 1.51 -18.09 28.77
CA ASP A 472 1.31 -19.03 29.87
C ASP A 472 0.06 -19.85 29.56
N GLN A 473 0.27 -21.01 28.92
CA GLN A 473 -0.85 -21.86 28.51
C GLN A 473 -1.73 -22.25 29.70
N GLU A 474 -1.13 -22.40 30.88
CA GLU A 474 -1.89 -22.87 32.03
C GLU A 474 -2.79 -21.79 32.62
N THR A 475 -2.35 -20.53 32.61
CA THR A 475 -3.10 -19.48 33.29
C THR A 475 -3.84 -18.54 32.35
N VAL A 476 -3.43 -18.42 31.09
CA VAL A 476 -4.09 -17.52 30.15
C VAL A 476 -5.41 -18.14 29.71
N ILE A 477 -6.50 -17.39 29.85
CA ILE A 477 -7.84 -17.87 29.58
C ILE A 477 -8.45 -17.06 28.45
N ASN A 478 -9.22 -17.74 27.59
CA ASN A 478 -9.85 -17.11 26.44
C ASN A 478 -11.14 -16.41 26.86
N PRO A 479 -11.23 -15.08 26.75
CA PRO A 479 -12.45 -14.39 27.24
C PRO A 479 -13.71 -14.74 26.47
N GLU A 480 -13.63 -15.20 25.22
CA GLU A 480 -14.83 -15.48 24.45
C GLU A 480 -15.41 -16.86 24.73
N THR A 481 -14.63 -17.76 25.34
CA THR A 481 -15.10 -19.10 25.64
C THR A 481 -14.92 -19.49 27.10
N GLY A 482 -14.13 -18.75 27.87
CA GLY A 482 -13.81 -19.10 29.24
C GLY A 482 -12.81 -20.23 29.39
N GLU A 483 -12.41 -20.86 28.29
CA GLU A 483 -11.48 -21.98 28.30
C GLU A 483 -10.05 -21.47 28.12
N GLN A 484 -9.09 -22.38 28.29
CA GLN A 484 -7.69 -22.07 28.00
C GLN A 484 -7.50 -21.91 26.50
N ILE A 485 -6.30 -21.46 26.12
CA ILE A 485 -6.00 -21.18 24.72
C ILE A 485 -5.74 -22.49 23.99
N GLN A 486 -6.36 -22.65 22.83
CA GLN A 486 -6.24 -23.87 22.03
C GLN A 486 -5.68 -23.64 20.63
N SER A 487 -5.62 -22.40 20.15
CA SER A 487 -5.08 -22.07 18.84
C SER A 487 -3.94 -21.08 18.98
N TRP A 488 -2.95 -21.19 18.09
CA TRP A 488 -1.76 -20.35 18.17
C TRP A 488 -1.00 -20.46 16.86
N TYR A 489 0.07 -19.67 16.75
CA TYR A 489 0.98 -19.70 15.62
C TYR A 489 2.14 -20.64 15.90
N ARG A 490 2.67 -21.24 14.84
CA ARG A 490 3.79 -22.16 14.93
C ARG A 490 5.03 -21.52 14.32
N SER A 491 6.10 -22.30 14.23
CA SER A 491 7.34 -21.82 13.61
C SER A 491 7.10 -21.61 12.12
N GLY A 492 7.58 -20.46 11.62
CA GLY A 492 7.38 -20.10 10.23
C GLY A 492 6.02 -19.50 9.91
N GLU A 493 5.01 -19.72 10.75
CA GLU A 493 3.69 -19.16 10.51
C GLU A 493 3.66 -17.69 10.89
N THR A 494 3.14 -16.87 9.98
CA THR A 494 3.01 -15.44 10.21
C THR A 494 1.56 -15.02 10.02
N TRP A 495 1.28 -13.77 10.39
CA TRP A 495 -0.06 -13.23 10.28
C TRP A 495 -0.58 -13.33 8.84
N ASP A 496 0.22 -12.87 7.88
CA ASP A 496 -0.15 -13.00 6.48
C ASP A 496 -0.28 -14.47 6.08
N SER A 497 0.63 -15.32 6.56
CA SER A 497 0.60 -16.73 6.20
C SER A 497 -0.73 -17.38 6.54
N LYS A 498 -1.21 -17.17 7.78
CA LYS A 498 -2.42 -17.86 8.21
C LYS A 498 -3.68 -17.14 7.76
N PHE A 499 -3.65 -15.82 7.63
CA PHE A 499 -4.86 -15.08 7.30
C PHE A 499 -4.89 -14.56 5.86
N SER A 500 -4.04 -15.11 4.99
CA SER A 500 -4.02 -14.85 3.54
C SER A 500 -4.82 -13.65 3.06
N THR A 501 -5.93 -13.92 2.36
CA THR A 501 -6.60 -12.91 1.56
C THR A 501 -7.25 -11.81 2.40
N ILE A 502 -7.51 -12.06 3.69
CA ILE A 502 -8.18 -11.07 4.53
C ILE A 502 -7.25 -10.46 5.55
N ALA A 503 -5.97 -10.83 5.57
CA ALA A 503 -5.07 -10.39 6.63
C ALA A 503 -4.92 -8.87 6.65
N SER A 504 -4.61 -8.28 5.51
CA SER A 504 -4.41 -6.84 5.45
C SER A 504 -5.65 -6.09 5.90
N SER A 505 -6.81 -6.42 5.32
CA SER A 505 -8.05 -5.72 5.64
C SER A 505 -8.44 -5.95 7.09
N TYR A 506 -8.21 -7.16 7.61
CA TYR A 506 -8.57 -7.48 8.98
C TYR A 506 -7.74 -6.68 9.98
N GLU A 507 -6.42 -6.68 9.79
CA GLU A 507 -5.55 -5.91 10.68
C GLU A 507 -5.85 -4.42 10.59
N GLU A 508 -6.16 -3.94 9.38
CA GLU A 508 -6.51 -2.54 9.22
C GLU A 508 -7.81 -2.21 9.95
N CYS A 509 -8.80 -3.11 9.87
CA CYS A 509 -10.05 -2.92 10.58
C CYS A 509 -9.83 -2.88 12.08
N ARG A 510 -8.99 -3.77 12.59
CA ARG A 510 -8.68 -3.77 14.02
C ARG A 510 -8.04 -2.45 14.44
N ALA A 511 -7.05 -1.98 13.67
CA ALA A 511 -6.35 -0.76 14.03
C ALA A 511 -7.27 0.45 14.00
N GLU A 512 -8.13 0.54 12.98
CA GLU A 512 -9.01 1.70 12.92
C GLU A 512 -10.19 1.60 13.88
N SER A 513 -10.60 0.40 14.27
CA SER A 513 -11.54 0.28 15.38
C SER A 513 -10.90 0.76 16.68
N VAL A 514 -9.62 0.41 16.89
CA VAL A 514 -8.88 0.96 18.02
C VAL A 514 -8.88 2.48 17.97
N GLY A 515 -8.66 3.04 16.78
CA GLY A 515 -8.68 4.48 16.62
C GLY A 515 -10.02 5.09 17.01
N LEU A 516 -11.11 4.55 16.46
CA LEU A 516 -12.43 5.07 16.80
C LEU A 516 -12.74 4.92 18.27
N TYR A 517 -12.28 3.83 18.89
CA TYR A 517 -12.61 3.51 20.28
C TYR A 517 -11.85 4.41 21.25
N LEU A 518 -10.52 4.45 21.14
CA LEU A 518 -9.73 5.25 22.05
C LEU A 518 -9.81 6.75 21.78
N CYS A 519 -10.55 7.16 20.74
CA CYS A 519 -10.72 8.59 20.48
C CYS A 519 -11.71 9.25 21.41
N LEU A 520 -12.53 8.46 22.12
CA LEU A 520 -13.44 9.03 23.09
C LEU A 520 -12.70 9.48 24.34
N HIS A 521 -11.59 8.81 24.68
CA HIS A 521 -10.74 9.11 25.82
C HIS A 521 -10.29 10.57 25.79
N PRO A 522 -10.74 11.39 26.75
CA PRO A 522 -10.41 12.83 26.71
C PRO A 522 -8.94 13.12 26.90
N GLN A 523 -8.18 12.24 27.58
CA GLN A 523 -6.74 12.45 27.67
C GLN A 523 -6.10 12.44 26.30
N VAL A 524 -6.57 11.57 25.40
CA VAL A 524 -6.07 11.54 24.03
C VAL A 524 -6.41 12.84 23.32
N LEU A 525 -7.65 13.31 23.47
CA LEU A 525 -8.07 14.52 22.78
C LEU A 525 -7.33 15.75 23.27
N GLU A 526 -6.94 15.77 24.56
CA GLU A 526 -6.12 16.87 25.04
C GLU A 526 -4.65 16.71 24.68
N ILE A 527 -4.20 15.47 24.43
CA ILE A 527 -2.85 15.31 23.88
C ILE A 527 -2.72 16.07 22.57
N PHE A 528 -3.76 16.06 21.75
CA PHE A 528 -3.81 16.89 20.55
C PHE A 528 -4.37 18.27 20.82
N GLY A 529 -4.60 18.63 22.09
CA GLY A 529 -5.01 19.96 22.46
C GLY A 529 -6.48 20.26 22.31
N PHE A 530 -7.33 19.24 22.25
CA PHE A 530 -8.77 19.41 22.04
C PHE A 530 -9.47 19.11 23.36
N GLU A 531 -9.81 20.17 24.10
CA GLU A 531 -10.60 20.02 25.31
C GLU A 531 -12.08 19.95 24.96
N GLY A 532 -12.89 19.70 25.99
CA GLY A 532 -14.30 19.42 25.81
C GLY A 532 -15.08 20.40 24.95
N ALA A 533 -14.58 21.62 24.82
CA ALA A 533 -15.28 22.62 24.01
C ALA A 533 -15.25 22.26 22.52
N ASP A 534 -14.21 21.55 22.07
CA ASP A 534 -14.03 21.17 20.68
C ASP A 534 -13.78 19.68 20.48
N ALA A 535 -13.38 18.97 21.54
CA ALA A 535 -13.17 17.52 21.43
C ALA A 535 -14.46 16.80 21.10
N GLU A 536 -15.60 17.29 21.62
CA GLU A 536 -16.92 16.88 21.17
C GLU A 536 -16.97 16.74 19.65
N ASP A 537 -16.64 17.84 18.96
CA ASP A 537 -16.80 17.88 17.52
C ASP A 537 -15.73 17.05 16.81
N VAL A 538 -14.50 17.02 17.35
CA VAL A 538 -13.48 16.19 16.69
C VAL A 538 -13.87 14.72 16.78
N ILE A 539 -14.47 14.30 17.90
CA ILE A 539 -14.97 12.93 18.03
C ILE A 539 -16.07 12.66 17.02
N TYR A 540 -17.09 13.54 17.00
CA TYR A 540 -18.21 13.31 16.10
C TYR A 540 -17.75 13.28 14.65
N VAL A 541 -16.76 14.10 14.31
CA VAL A 541 -16.27 14.15 12.95
C VAL A 541 -15.49 12.88 12.60
N ASN A 542 -14.68 12.38 13.55
CA ASN A 542 -13.99 11.12 13.29
C ASN A 542 -15.00 10.00 13.01
N TRP A 543 -16.06 9.92 13.81
CA TRP A 543 -17.02 8.84 13.62
C TRP A 543 -17.86 9.04 12.36
N LEU A 544 -18.20 10.29 12.03
CA LEU A 544 -18.94 10.55 10.81
C LEU A 544 -18.09 10.25 9.58
N ASN A 545 -16.82 10.62 9.61
CA ASN A 545 -15.92 10.26 8.52
C ASN A 545 -15.82 8.76 8.38
N MET A 546 -15.79 8.03 9.50
CA MET A 546 -15.72 6.58 9.41
C MET A 546 -16.96 5.99 8.75
N VAL A 547 -18.15 6.44 9.16
CA VAL A 547 -19.36 5.86 8.59
C VAL A 547 -19.51 6.27 7.11
N ARG A 548 -19.11 7.50 6.77
CA ARG A 548 -19.14 7.92 5.38
C ARG A 548 -18.16 7.10 4.54
N ALA A 549 -16.98 6.81 5.08
CA ALA A 549 -16.03 5.98 4.36
C ALA A 549 -16.56 4.57 4.19
N GLY A 550 -17.28 4.06 5.20
CA GLY A 550 -17.91 2.75 5.07
C GLY A 550 -18.94 2.72 3.96
N LEU A 551 -19.69 3.81 3.78
CA LEU A 551 -20.59 3.87 2.64
C LEU A 551 -19.81 3.96 1.33
N LEU A 552 -18.83 4.86 1.25
CA LEU A 552 -18.08 5.09 0.02
C LEU A 552 -17.30 3.86 -0.42
N ALA A 553 -16.98 2.95 0.50
CA ALA A 553 -16.17 1.79 0.18
C ALA A 553 -16.82 0.87 -0.85
N LEU A 554 -18.12 1.02 -1.12
CA LEU A 554 -18.78 0.14 -2.08
C LEU A 554 -18.20 0.28 -3.49
N GLU A 555 -17.49 1.38 -3.77
CA GLU A 555 -16.79 1.52 -5.04
C GLU A 555 -15.72 0.45 -5.22
N PHE A 556 -15.14 -0.04 -4.13
CA PHE A 556 -14.02 -0.97 -4.17
C PHE A 556 -14.45 -2.41 -3.89
N TYR A 557 -15.61 -2.80 -4.39
CA TYR A 557 -16.13 -4.15 -4.21
C TYR A 557 -16.61 -4.67 -5.55
N THR A 558 -16.07 -5.83 -5.96
CA THR A 558 -16.47 -6.45 -7.21
C THR A 558 -17.61 -7.43 -6.91
N PRO A 559 -18.85 -7.11 -7.27
CA PRO A 559 -19.97 -8.01 -6.89
C PRO A 559 -19.95 -9.32 -7.64
N GLU A 560 -19.49 -9.32 -8.90
CA GLU A 560 -19.43 -10.55 -9.67
C GLU A 560 -18.45 -11.54 -9.04
N ALA A 561 -17.34 -11.05 -8.51
CA ALA A 561 -16.35 -11.90 -7.87
C ALA A 561 -16.59 -12.05 -6.37
N PHE A 562 -17.54 -11.32 -5.80
CA PHE A 562 -17.75 -11.28 -4.35
C PHE A 562 -16.44 -10.98 -3.63
N ASN A 563 -15.71 -10.00 -4.13
CA ASN A 563 -14.35 -9.75 -3.70
C ASN A 563 -14.14 -8.29 -3.37
N TRP A 564 -13.39 -8.05 -2.30
CA TRP A 564 -13.00 -6.71 -1.88
C TRP A 564 -11.61 -6.38 -2.43
N ARG A 565 -11.48 -5.21 -3.06
CA ARG A 565 -10.27 -4.85 -3.78
C ARG A 565 -9.35 -3.92 -3.00
N GLN A 566 -9.80 -3.38 -1.87
CA GLN A 566 -9.00 -2.44 -1.11
C GLN A 566 -9.17 -2.73 0.37
N ALA A 567 -8.04 -2.88 1.08
CA ALA A 567 -8.08 -3.37 2.45
C ALA A 567 -8.75 -2.37 3.39
N HIS A 568 -8.31 -1.11 3.35
CA HIS A 568 -8.82 -0.10 4.27
C HIS A 568 -10.32 0.15 4.03
N MET A 569 -10.73 0.18 2.77
CA MET A 569 -12.13 0.44 2.48
C MET A 569 -13.01 -0.73 2.89
N GLN A 570 -12.57 -1.96 2.66
CA GLN A 570 -13.29 -3.11 3.19
C GLN A 570 -13.40 -3.02 4.71
N ALA A 571 -12.31 -2.64 5.38
CA ALA A 571 -12.33 -2.47 6.83
C ALA A 571 -13.37 -1.46 7.26
N ARG A 572 -13.45 -0.33 6.56
CA ARG A 572 -14.41 0.71 6.94
C ARG A 572 -15.85 0.29 6.64
N PHE A 573 -16.07 -0.48 5.56
CA PHE A 573 -17.40 -1.03 5.35
C PHE A 573 -17.78 -2.01 6.46
N VAL A 574 -16.79 -2.76 6.96
CA VAL A 574 -17.05 -3.67 8.07
C VAL A 574 -17.45 -2.90 9.32
N ILE A 575 -16.73 -1.81 9.60
CA ILE A 575 -17.08 -0.98 10.76
C ILE A 575 -18.47 -0.37 10.59
N LEU A 576 -18.80 0.04 9.37
CA LEU A 576 -20.13 0.61 9.13
C LEU A 576 -21.22 -0.42 9.35
N ARG A 577 -21.03 -1.64 8.85
CA ARG A 577 -22.02 -2.69 9.07
C ARG A 577 -22.11 -3.07 10.54
N VAL A 578 -20.99 -3.03 11.27
CA VAL A 578 -21.01 -3.31 12.70
C VAL A 578 -21.85 -2.27 13.43
N LEU A 579 -21.62 -0.99 13.12
CA LEU A 579 -22.38 0.07 13.78
C LEU A 579 -23.84 0.07 13.36
N LEU A 580 -24.13 -0.39 12.13
CA LEU A 580 -25.52 -0.60 11.73
C LEU A 580 -26.15 -1.76 12.48
N GLU A 581 -25.36 -2.75 12.87
CA GLU A 581 -25.88 -3.95 13.50
C GLU A 581 -26.52 -3.64 14.85
N ALA A 582 -25.92 -2.74 15.63
CA ALA A 582 -26.45 -2.46 16.96
C ALA A 582 -27.82 -1.78 16.91
N GLY A 583 -28.22 -1.28 15.75
CA GLY A 583 -29.53 -0.66 15.62
C GLY A 583 -29.66 0.58 16.48
N GLU A 584 -30.83 0.75 17.08
CA GLU A 584 -31.16 1.88 17.96
C GLU A 584 -30.97 3.22 17.27
N GLY A 585 -31.06 3.24 15.94
CA GLY A 585 -31.01 4.49 15.20
C GLY A 585 -29.70 5.24 15.29
N LEU A 586 -28.58 4.53 15.41
CA LEU A 586 -27.28 5.16 15.49
C LEU A 586 -26.86 5.71 14.13
N VAL A 587 -26.56 4.81 13.19
CA VAL A 587 -26.21 5.18 11.83
C VAL A 587 -27.35 4.75 10.92
N THR A 588 -27.69 5.60 9.94
CA THR A 588 -28.78 5.31 9.03
C THR A 588 -28.37 5.75 7.63
N ILE A 589 -28.33 4.80 6.70
CA ILE A 589 -28.13 5.08 5.28
C ILE A 589 -29.50 5.11 4.62
N THR A 590 -29.86 6.25 4.05
CA THR A 590 -31.17 6.42 3.43
C THR A 590 -31.00 6.90 2.00
N PRO A 591 -31.47 6.14 1.01
CA PRO A 591 -31.37 6.61 -0.38
C PRO A 591 -32.30 7.77 -0.64
N THR A 592 -31.81 8.74 -1.41
CA THR A 592 -32.54 9.95 -1.75
C THR A 592 -32.36 10.22 -3.24
N THR A 593 -32.91 11.34 -3.69
CA THR A 593 -32.65 11.85 -5.03
C THR A 593 -31.88 13.16 -4.90
N GLY A 594 -30.79 13.29 -5.66
CA GLY A 594 -29.91 14.42 -5.50
C GLY A 594 -30.45 15.70 -6.11
N SER A 595 -29.77 16.81 -5.80
CA SER A 595 -30.15 18.10 -6.35
C SER A 595 -30.06 18.12 -7.88
N ASP A 596 -29.19 17.28 -8.45
CA ASP A 596 -29.05 17.19 -9.90
C ASP A 596 -30.05 16.23 -10.53
N GLY A 597 -30.95 15.63 -9.76
CA GLY A 597 -31.92 14.71 -10.32
C GLY A 597 -31.39 13.32 -10.59
N ARG A 598 -30.37 12.90 -9.85
CA ARG A 598 -29.81 11.56 -9.93
C ARG A 598 -29.87 10.92 -8.55
N PRO A 599 -29.80 9.59 -8.47
CA PRO A 599 -29.86 8.92 -7.17
C PRO A 599 -28.71 9.36 -6.26
N ASP A 600 -29.05 9.74 -5.03
CA ASP A 600 -28.08 10.12 -4.02
C ASP A 600 -28.39 9.33 -2.75
N ALA A 601 -27.68 9.63 -1.67
CA ALA A 601 -27.96 8.98 -0.39
C ALA A 601 -27.58 9.94 0.73
N ARG A 602 -28.03 9.62 1.94
CA ARG A 602 -27.73 10.44 3.10
C ARG A 602 -27.39 9.54 4.28
N VAL A 603 -26.35 9.93 5.02
CA VAL A 603 -25.86 9.19 6.17
C VAL A 603 -26.15 10.01 7.42
N ARG A 604 -26.97 9.47 8.31
CA ARG A 604 -27.33 10.14 9.55
C ARG A 604 -26.67 9.41 10.71
N LEU A 605 -25.85 10.14 11.48
CA LEU A 605 -25.15 9.61 12.64
C LEU A 605 -25.54 10.44 13.86
N ASP A 606 -26.10 9.77 14.87
CA ASP A 606 -26.57 10.45 16.07
C ASP A 606 -25.40 10.64 17.04
N ARG A 607 -25.16 11.88 17.45
CA ARG A 607 -24.03 12.17 18.33
C ARG A 607 -24.21 11.54 19.71
N SER A 608 -25.45 11.48 20.20
CA SER A 608 -25.69 11.03 21.57
C SER A 608 -25.43 9.54 21.71
N LYS A 609 -25.86 8.74 20.74
CA LYS A 609 -25.74 7.29 20.81
C LYS A 609 -24.35 6.78 20.43
N ILE A 610 -23.38 7.68 20.25
CA ILE A 610 -22.03 7.24 19.93
C ILE A 610 -21.39 6.54 21.13
N ARG A 611 -21.61 7.07 22.33
CA ARG A 611 -21.07 6.45 23.54
C ARG A 611 -22.00 5.38 24.10
N SER A 612 -23.31 5.60 24.04
CA SER A 612 -24.26 4.66 24.64
C SER A 612 -24.46 3.41 23.78
N VAL A 613 -24.33 3.54 22.46
CA VAL A 613 -24.56 2.43 21.55
C VAL A 613 -23.29 2.06 20.77
N GLY A 614 -22.54 3.06 20.31
CA GLY A 614 -21.40 2.77 19.46
C GLY A 614 -20.24 2.14 20.21
N LYS A 615 -19.91 2.68 21.39
CA LYS A 615 -18.78 2.13 22.15
C LYS A 615 -19.00 0.69 22.59
N PRO A 616 -20.17 0.27 23.08
CA PRO A 616 -20.33 -1.17 23.39
C PRO A 616 -20.13 -2.07 22.19
N ALA A 617 -20.71 -1.71 21.04
CA ALA A 617 -20.54 -2.53 19.84
C ALA A 617 -19.08 -2.60 19.42
N LEU A 618 -18.40 -1.45 19.43
CA LEU A 618 -16.98 -1.44 19.07
C LEU A 618 -16.14 -2.24 20.07
N GLU A 619 -16.49 -2.21 21.35
CA GLU A 619 -15.73 -2.96 22.35
C GLU A 619 -15.90 -4.46 22.15
N ARG A 620 -17.14 -4.91 21.97
CA ARG A 620 -17.41 -6.29 21.63
C ARG A 620 -16.63 -6.72 20.38
N PHE A 621 -16.73 -5.91 19.33
CA PHE A 621 -16.09 -6.22 18.05
C PHE A 621 -14.57 -6.27 18.19
N LEU A 622 -13.99 -5.31 18.91
CA LEU A 622 -12.54 -5.29 19.12
C LEU A 622 -12.08 -6.51 19.89
N ARG A 623 -12.82 -6.90 20.92
CA ARG A 623 -12.44 -8.08 21.68
C ARG A 623 -12.46 -9.32 20.80
N ARG A 624 -13.52 -9.49 20.01
CA ARG A 624 -13.58 -10.62 19.09
C ARG A 624 -12.39 -10.62 18.14
N LEU A 625 -12.13 -9.48 17.50
CA LEU A 625 -11.03 -9.37 16.54
C LEU A 625 -9.71 -9.73 17.19
N GLN A 626 -9.43 -9.17 18.36
CA GLN A 626 -8.13 -9.37 18.99
C GLN A 626 -7.95 -10.80 19.46
N VAL A 627 -9.00 -11.41 20.03
CA VAL A 627 -8.91 -12.80 20.46
C VAL A 627 -8.61 -13.70 19.26
N LEU A 628 -9.36 -13.52 18.17
CA LEU A 628 -9.14 -14.37 17.01
C LEU A 628 -7.78 -14.11 16.37
N LYS A 629 -7.27 -12.88 16.46
CA LYS A 629 -5.95 -12.60 15.91
C LYS A 629 -4.85 -13.25 16.75
N SER A 630 -4.95 -13.13 18.07
CA SER A 630 -3.91 -13.68 18.94
C SER A 630 -3.91 -15.21 18.93
N THR A 631 -5.08 -15.84 18.81
CA THR A 631 -5.07 -17.29 18.68
C THR A 631 -4.79 -17.76 17.26
N GLY A 632 -4.71 -16.85 16.29
CA GLY A 632 -4.59 -17.26 14.90
C GLY A 632 -5.75 -18.08 14.41
N ASP A 633 -6.92 -17.94 15.04
CA ASP A 633 -8.11 -18.69 14.65
C ASP A 633 -8.60 -18.25 13.27
N VAL A 634 -8.01 -18.83 12.21
CA VAL A 634 -8.37 -18.43 10.86
C VAL A 634 -9.84 -18.72 10.58
N ALA A 635 -10.35 -19.85 11.09
CA ALA A 635 -11.73 -20.22 10.82
C ALA A 635 -12.69 -19.18 11.39
N GLY A 636 -12.57 -18.90 12.69
CA GLY A 636 -13.47 -17.95 13.31
C GLY A 636 -13.22 -16.52 12.86
N GLY A 637 -11.96 -16.16 12.62
CA GLY A 637 -11.66 -14.83 12.11
C GLY A 637 -12.28 -14.60 10.73
N ARG A 638 -12.16 -15.59 9.85
CA ARG A 638 -12.80 -15.51 8.55
C ARG A 638 -14.32 -15.43 8.71
N ALA A 639 -14.89 -16.30 9.55
CA ALA A 639 -16.32 -16.23 9.82
C ALA A 639 -16.74 -14.81 10.14
N LEU A 640 -16.17 -14.24 11.20
CA LEU A 640 -16.52 -12.89 11.64
C LEU A 640 -16.35 -11.86 10.52
N TYR A 641 -15.13 -11.75 9.98
CA TYR A 641 -14.82 -10.68 9.03
C TYR A 641 -15.60 -10.83 7.74
N GLU A 642 -15.45 -11.98 7.06
CA GLU A 642 -16.18 -12.21 5.82
C GLU A 642 -17.69 -12.26 6.03
N GLY A 643 -18.17 -12.34 7.26
CA GLY A 643 -19.59 -12.19 7.51
C GLY A 643 -19.99 -10.73 7.52
N TYR A 644 -19.18 -9.88 8.17
CA TYR A 644 -19.47 -8.45 8.14
C TYR A 644 -19.18 -7.85 6.76
N ALA A 645 -18.10 -8.29 6.12
CA ALA A 645 -17.75 -7.77 4.80
C ALA A 645 -18.70 -8.21 3.70
N THR A 646 -19.73 -9.00 4.02
CA THR A 646 -20.65 -9.48 3.01
C THR A 646 -21.53 -8.35 2.50
N VAL A 647 -21.49 -8.12 1.19
CA VAL A 647 -22.27 -7.08 0.54
C VAL A 647 -23.55 -7.71 0.01
N THR A 648 -24.69 -7.20 0.46
CA THR A 648 -25.98 -7.78 0.10
C THR A 648 -26.97 -6.66 -0.21
N ASP A 649 -27.99 -6.99 -0.99
CA ASP A 649 -29.10 -6.09 -1.26
C ASP A 649 -30.25 -6.29 -0.28
N ALA A 650 -29.96 -6.68 0.95
CA ALA A 650 -30.98 -6.92 1.96
C ALA A 650 -31.50 -5.59 2.51
N PRO A 651 -32.80 -5.49 2.74
CA PRO A 651 -33.35 -4.26 3.32
C PRO A 651 -32.96 -4.13 4.77
N PRO A 652 -32.94 -2.91 5.32
CA PRO A 652 -33.30 -1.66 4.64
C PRO A 652 -32.14 -1.01 3.90
N GLU A 653 -30.91 -1.46 4.18
CA GLU A 653 -29.73 -0.75 3.67
C GLU A 653 -29.60 -0.90 2.16
N CYS A 654 -29.83 -2.09 1.63
CA CYS A 654 -29.74 -2.37 0.19
C CYS A 654 -28.40 -1.90 -0.38
N PHE A 655 -27.33 -2.52 0.14
CA PHE A 655 -25.98 -2.05 -0.17
C PHE A 655 -25.65 -2.20 -1.65
N LEU A 656 -26.15 -3.24 -2.31
CA LEU A 656 -25.84 -3.42 -3.72
C LEU A 656 -26.45 -2.30 -4.57
N THR A 657 -27.64 -1.84 -4.22
CA THR A 657 -28.23 -0.70 -4.92
C THR A 657 -27.49 0.59 -4.58
N LEU A 658 -27.01 0.70 -3.34
CA LEU A 658 -26.22 1.87 -2.94
C LEU A 658 -24.91 1.94 -3.70
N ARG A 659 -24.34 0.78 -4.03
CA ARG A 659 -23.03 0.76 -4.69
C ARG A 659 -23.10 1.47 -6.03
N ASP A 660 -24.22 1.34 -6.74
CA ASP A 660 -24.38 2.05 -8.01
C ASP A 660 -24.38 3.56 -7.80
N THR A 661 -24.99 4.02 -6.71
CA THR A 661 -24.97 5.45 -6.40
C THR A 661 -23.57 5.92 -6.02
N VAL A 662 -22.85 5.10 -5.24
CA VAL A 662 -21.50 5.46 -4.83
C VAL A 662 -20.58 5.56 -6.03
N LEU A 663 -20.73 4.65 -6.99
CA LEU A 663 -19.96 4.71 -8.23
C LEU A 663 -20.37 5.92 -9.05
N LEU A 664 -21.68 6.14 -9.21
CA LEU A 664 -22.20 7.22 -10.03
C LEU A 664 -21.82 8.59 -9.50
N ARG A 665 -21.39 8.68 -8.24
CA ARG A 665 -20.97 9.94 -7.64
C ARG A 665 -19.55 9.86 -7.08
N LYS A 666 -18.76 8.89 -7.55
CA LYS A 666 -17.40 8.75 -7.05
C LYS A 666 -16.52 9.89 -7.53
N GLU A 667 -15.46 10.15 -6.78
CA GLU A 667 -14.44 11.12 -7.14
C GLU A 667 -13.11 10.40 -7.21
N SER A 668 -12.38 10.59 -8.30
CA SER A 668 -11.09 9.95 -8.46
C SER A 668 -10.09 10.50 -7.45
N ARG A 669 -9.23 9.63 -6.93
CA ARG A 669 -8.16 10.07 -6.06
C ARG A 669 -7.14 10.85 -6.86
N LYS A 670 -6.63 11.92 -6.26
CA LYS A 670 -5.69 12.78 -6.95
C LYS A 670 -4.34 12.10 -7.14
N LEU A 671 -3.67 12.45 -8.24
CA LEU A 671 -2.28 12.06 -8.42
C LEU A 671 -1.38 13.07 -7.73
N ILE A 672 -0.21 12.62 -7.30
CA ILE A 672 0.70 13.46 -6.52
C ILE A 672 2.03 13.52 -7.26
N VAL A 673 2.47 14.73 -7.57
CA VAL A 673 3.77 14.94 -8.20
C VAL A 673 4.82 15.03 -7.10
N GLN A 674 5.92 14.31 -7.28
CA GLN A 674 7.02 14.31 -6.33
C GLN A 674 8.25 14.99 -6.93
N PRO A 675 9.05 15.67 -6.11
CA PRO A 675 10.23 16.36 -6.64
C PRO A 675 11.36 15.38 -6.93
N ASN A 676 12.37 15.88 -7.62
CA ASN A 676 13.60 15.15 -7.86
C ASN A 676 14.76 15.87 -7.17
N THR A 677 15.86 15.15 -7.00
CA THR A 677 17.07 15.74 -6.46
C THR A 677 18.22 15.53 -7.45
N ARG A 678 19.03 16.56 -7.62
CA ARG A 678 20.14 16.54 -8.55
C ARG A 678 21.42 16.89 -7.83
N LEU A 679 22.53 16.37 -8.35
CA LEU A 679 23.85 16.56 -7.76
C LEU A 679 24.65 17.45 -8.71
N GLU A 680 24.86 18.71 -8.30
CA GLU A 680 25.68 19.64 -9.06
C GLU A 680 27.14 19.45 -8.70
N GLY A 681 27.60 18.20 -8.70
CA GLY A 681 28.94 17.88 -8.25
C GLY A 681 29.11 18.11 -6.76
N SER A 682 29.15 19.38 -6.35
CA SER A 682 29.33 19.72 -4.94
C SER A 682 28.02 19.61 -4.17
N ASP A 683 27.05 20.43 -4.53
CA ASP A 683 25.81 20.57 -3.77
C ASP A 683 24.70 19.70 -4.36
N VAL A 684 23.59 19.65 -3.64
CA VAL A 684 22.39 18.93 -4.08
C VAL A 684 21.26 19.94 -4.20
N GLN A 685 20.61 19.96 -5.35
CA GLN A 685 19.49 20.86 -5.60
C GLN A 685 18.19 20.06 -5.72
N LEU A 686 17.09 20.75 -5.46
CA LEU A 686 15.76 20.16 -5.48
C LEU A 686 14.99 20.70 -6.68
N LEU A 687 14.37 19.80 -7.44
CA LEU A 687 13.62 20.15 -8.63
C LEU A 687 12.14 19.84 -8.38
N GLU A 688 11.31 20.87 -8.44
CA GLU A 688 9.87 20.74 -8.30
C GLU A 688 9.19 20.86 -9.66
N TYR A 689 7.89 20.56 -9.69
CA TYR A 689 7.18 20.44 -10.95
C TYR A 689 5.77 20.96 -10.80
N GLU A 690 5.16 21.31 -11.93
CA GLU A 690 3.77 21.74 -11.95
C GLU A 690 2.86 20.64 -11.44
N ALA A 691 1.83 21.03 -10.69
CA ALA A 691 0.85 20.07 -10.18
C ALA A 691 -0.17 19.74 -11.28
N SER A 692 0.30 18.97 -12.26
CA SER A 692 -0.51 18.63 -13.42
C SER A 692 -0.07 17.27 -13.94
N ALA A 693 -0.81 16.77 -14.94
CA ALA A 693 -0.37 15.56 -15.63
C ALA A 693 0.97 15.77 -16.30
N ALA A 694 1.12 16.88 -17.03
CA ALA A 694 2.38 17.19 -17.67
C ALA A 694 3.49 17.39 -16.66
N GLY A 695 3.16 17.93 -15.48
CA GLY A 695 4.17 18.07 -14.44
C GLY A 695 4.68 16.74 -13.93
N LEU A 696 3.77 15.79 -13.71
CA LEU A 696 4.18 14.45 -13.28
C LEU A 696 4.98 13.75 -14.36
N ILE A 697 4.55 13.92 -15.62
CA ILE A 697 5.32 13.36 -16.74
C ILE A 697 6.73 13.92 -16.74
N ARG A 698 6.87 15.24 -16.56
CA ARG A 698 8.19 15.86 -16.54
C ARG A 698 9.00 15.36 -15.34
N SER A 699 8.34 15.15 -14.19
CA SER A 699 9.05 14.66 -13.01
C SER A 699 9.62 13.28 -13.25
N PHE A 700 8.95 12.47 -14.06
CA PHE A 700 9.51 11.16 -14.38
C PHE A 700 10.47 11.20 -15.57
N SER A 701 10.40 12.23 -16.42
CA SER A 701 11.37 12.34 -17.51
C SER A 701 12.74 12.78 -16.99
N GLU A 702 12.76 13.64 -15.97
CA GLU A 702 14.00 14.08 -15.34
C GLU A 702 14.40 13.22 -14.15
N ARG A 703 13.74 12.07 -13.96
CA ARG A 703 13.97 11.27 -12.77
C ARG A 703 15.21 10.41 -12.87
N PHE A 704 15.56 9.95 -14.08
CA PHE A 704 16.71 9.08 -14.30
C PHE A 704 17.56 9.68 -15.41
N PRO A 705 18.30 10.74 -15.11
CA PRO A 705 19.06 11.40 -16.19
C PRO A 705 20.27 10.61 -16.65
N GLU A 706 20.84 9.76 -15.80
CA GLU A 706 22.09 9.09 -16.15
C GLU A 706 21.86 7.86 -17.02
N ASP A 707 20.80 7.09 -16.74
CA ASP A 707 20.65 5.76 -17.34
C ASP A 707 19.21 5.44 -17.72
N GLY A 708 18.40 6.48 -17.97
CA GLY A 708 17.02 6.30 -18.35
C GLY A 708 16.80 5.33 -19.50
N PRO A 709 17.45 5.60 -20.64
CA PRO A 709 17.32 4.67 -21.77
C PRO A 709 17.80 3.27 -21.47
N GLU A 710 18.66 3.10 -20.46
CA GLU A 710 19.08 1.75 -20.07
C GLU A 710 18.03 1.10 -19.17
N LEU A 711 17.40 1.87 -18.29
CA LEU A 711 16.33 1.33 -17.45
C LEU A 711 15.15 0.88 -18.30
N GLU A 712 14.85 1.64 -19.36
CA GLU A 712 13.78 1.23 -20.27
C GLU A 712 14.04 -0.16 -20.84
N GLU A 713 15.29 -0.41 -21.26
CA GLU A 713 15.62 -1.70 -21.87
C GLU A 713 15.73 -2.80 -20.83
N ILE A 714 16.16 -2.47 -19.61
CA ILE A 714 16.14 -3.45 -18.52
C ILE A 714 14.71 -3.92 -18.26
N LEU A 715 13.78 -2.98 -18.17
CA LEU A 715 12.38 -3.33 -17.96
C LEU A 715 11.83 -4.14 -19.13
N THR A 716 12.16 -3.73 -20.35
CA THR A 716 11.72 -4.48 -21.53
C THR A 716 12.24 -5.91 -21.51
N GLN A 717 13.50 -6.10 -21.12
CA GLN A 717 14.10 -7.43 -21.10
C GLN A 717 13.45 -8.30 -20.03
N LEU A 718 13.31 -7.77 -18.81
CA LEU A 718 12.67 -8.53 -17.76
C LEU A 718 11.23 -8.88 -18.12
N ALA A 719 10.56 -8.00 -18.86
CA ALA A 719 9.21 -8.30 -19.32
C ALA A 719 9.21 -9.43 -20.34
N THR A 720 10.04 -9.33 -21.38
CA THR A 720 10.07 -10.33 -22.44
C THR A 720 10.49 -11.70 -21.91
N ALA A 721 11.35 -11.73 -20.89
CA ALA A 721 11.85 -13.01 -20.38
C ALA A 721 10.73 -13.84 -19.77
N ASP A 722 9.82 -13.20 -19.03
CA ASP A 722 8.72 -13.89 -18.36
C ASP A 722 7.45 -13.89 -19.19
N ALA A 723 7.53 -13.57 -20.49
CA ALA A 723 6.33 -13.38 -21.30
C ALA A 723 5.50 -14.65 -21.40
N ARG A 724 6.12 -15.82 -21.30
CA ARG A 724 5.38 -17.07 -21.45
C ARG A 724 4.46 -17.36 -20.27
N PHE A 725 4.60 -16.63 -19.16
CA PHE A 725 3.78 -16.88 -17.98
C PHE A 725 2.37 -16.29 -18.10
N TRP A 726 2.12 -15.42 -19.07
CA TRP A 726 0.83 -14.76 -19.17
C TRP A 726 0.35 -14.69 -20.63
N VAL B 1 2.31 -1.99 7.95
CA VAL B 1 1.01 -1.75 7.44
C VAL B 1 0.80 -0.23 7.29
N PRO B 3 -4.44 5.19 4.12
CA PRO B 3 -4.52 5.91 2.87
C PRO B 3 -5.32 7.20 2.96
N TRP B 4 -5.63 7.95 1.77
CA TRP B 4 -6.38 9.14 1.94
C TRP B 4 -7.56 9.15 1.02
#